data_6FY2
#
_entry.id   6FY2
#
_cell.length_a   110.354
_cell.length_b   41.757
_cell.length_c   144.524
_cell.angle_alpha   90.00
_cell.angle_beta   96.81
_cell.angle_gamma   90.00
#
_symmetry.space_group_name_H-M   'P 1 21 1'
#
loop_
_entity.id
_entity.type
_entity.pdbx_description
1 polymer 'CAP228-16H Heavy Chain'
2 polymer 'CAP228-16H Light Chain'
3 polymer 'CAP225 Scaffolded V1V2'
4 non-polymer 'SULFATE ION'
5 non-polymer GLYCEROL
6 water water
#
loop_
_entity_poly.entity_id
_entity_poly.type
_entity_poly.pdbx_seq_one_letter_code
_entity_poly.pdbx_strand_id
1 'polypeptide(L)'
;EVQLVQSGAEVKKPGESLKISCKGSGYRFPSSWIGWVRQVPGKGLEWMGIIYPGDGETRYRASFQGQVTISADQSSNTAY
LQWSSLKASDTAMYYCARHGRGVREVINAFDIWGQGTMVTVSSASTKGPSVFPLAPSSKSTSGGTAALGCLVKDYFPEPV
TVSWNSGALTSGVHTFPAVLQSSGLYSLSSVVTVPSSSLGTQTYICNVNHKPSNTKVDKKVEPKSCDKGLEVLFQ
;
H,X
2 'polypeptide(L)'
;SYELTQPPSVSVAPGTTATITCGGVDIGSTLVHWYQQRPGQAPLLVIYDDSDRPSGIPERFSGSNSGNMATLTISRVEAG
DEADYYCQVWHSTSAVIFGGGTKLTVLSQPKAAPSVTLFPPSSEELQANKATLVCLISDFYPGAVTVAWKADSSPVKAGV
ETTTPSKQSNNKYAASSYLSLTPEQWKSHRSYSCQVTHEGSTVEKTVAPTECS
;
L,Y
3 'polypeptide(L)'
;MTTFKLAACVTLNCKDAIPRNDTSNVTYNANETIFQNGGVQNCTFNTTTEIRDKKQEVRALFYRSDIVPLKKEDNNSNSS
EYILINCQTTTTEAVDAATAAKVFKQYANDNGIDGEWTYDDATKTFTVTEGLEVLFQ
;
P,Z
#
loop_
_chem_comp.id
_chem_comp.type
_chem_comp.name
_chem_comp.formula
GOL non-polymer GLYCEROL 'C3 H8 O3'
SO4 non-polymer 'SULFATE ION' 'O4 S -2'
#
# COMPACT_ATOMS: atom_id res chain seq x y z
N GLU A 1 44.72 -12.96 22.34
CA GLU A 1 44.57 -14.01 21.28
C GLU A 1 44.56 -13.40 19.89
N VAL A 2 44.84 -14.24 18.90
CA VAL A 2 44.74 -13.82 17.51
C VAL A 2 43.27 -13.61 17.16
N GLN A 3 42.96 -12.47 16.57
CA GLN A 3 41.57 -12.24 16.17
C GLN A 3 41.49 -11.19 15.09
N LEU A 4 40.41 -11.28 14.32
CA LEU A 4 40.03 -10.30 13.32
C LEU A 4 38.67 -9.74 13.70
N VAL A 5 38.58 -8.40 13.77
CA VAL A 5 37.35 -7.72 14.15
C VAL A 5 36.92 -6.86 12.98
N GLN A 6 35.71 -7.10 12.47
CA GLN A 6 35.23 -6.43 11.29
C GLN A 6 34.31 -5.27 11.68
N SER A 7 34.12 -4.36 10.72
CA SER A 7 33.29 -3.18 10.95
C SER A 7 31.81 -3.56 10.97
N GLY A 8 30.97 -2.59 11.37
CA GLY A 8 29.56 -2.85 11.60
C GLY A 8 28.73 -2.95 10.33
N ALA A 9 27.49 -3.43 10.51
CA ALA A 9 26.60 -3.66 9.39
C ALA A 9 26.32 -2.37 8.64
N GLU A 10 26.08 -2.50 7.33
CA GLU A 10 25.92 -1.35 6.44
C GLU A 10 24.63 -1.49 5.65
N VAL A 11 23.94 -0.36 5.46
CA VAL A 11 22.78 -0.27 4.58
C VAL A 11 23.04 0.89 3.62
N LYS A 12 23.15 0.57 2.34
CA LYS A 12 23.56 1.55 1.33
C LYS A 12 22.64 1.43 0.13
N LYS A 13 22.72 2.43 -0.76
CA LYS A 13 21.90 2.47 -1.95
C LYS A 13 22.71 2.12 -3.19
N PRO A 14 22.07 1.61 -4.24
CA PRO A 14 22.83 1.30 -5.47
C PRO A 14 23.55 2.52 -6.01
N GLY A 15 24.75 2.30 -6.53
CA GLY A 15 25.56 3.36 -7.07
C GLY A 15 26.49 4.04 -6.07
N GLU A 16 26.28 3.82 -4.78
CA GLU A 16 27.11 4.43 -3.76
C GLU A 16 28.37 3.59 -3.51
N SER A 17 29.40 4.25 -3.01
CA SER A 17 30.64 3.58 -2.66
C SER A 17 30.57 3.10 -1.21
N LEU A 18 31.43 2.13 -0.90
CA LEU A 18 31.45 1.56 0.44
C LEU A 18 32.84 1.04 0.75
N LYS A 19 33.24 1.13 2.01
CA LYS A 19 34.50 0.59 2.47
C LYS A 19 34.28 -0.10 3.80
N ILE A 20 34.52 -1.40 3.84
CA ILE A 20 34.43 -2.17 5.09
C ILE A 20 35.84 -2.62 5.47
N SER A 21 36.03 -2.82 6.77
CA SER A 21 37.38 -2.99 7.32
C SER A 21 37.46 -4.25 8.17
N CYS A 22 38.71 -4.66 8.42
CA CYS A 22 39.02 -5.88 9.15
C CYS A 22 40.30 -5.62 9.93
N LYS A 23 40.18 -5.51 11.26
CA LYS A 23 41.28 -5.14 12.14
C LYS A 23 41.87 -6.40 12.75
N GLY A 24 43.15 -6.64 12.51
CA GLY A 24 43.84 -7.80 13.05
C GLY A 24 44.59 -7.46 14.32
N SER A 25 44.55 -8.38 15.29
CA SER A 25 45.25 -8.17 16.54
C SER A 25 45.74 -9.50 17.09
N GLY A 26 46.85 -9.43 17.82
CA GLY A 26 47.45 -10.61 18.41
C GLY A 26 48.45 -11.34 17.54
N TYR A 27 48.83 -10.78 16.40
CA TYR A 27 49.77 -11.44 15.50
C TYR A 27 50.38 -10.39 14.59
N ARG A 28 51.44 -10.79 13.89
CA ARG A 28 52.18 -9.88 13.02
C ARG A 28 51.43 -9.73 11.70
N PHE A 29 50.71 -8.62 11.57
CA PHE A 29 49.87 -8.36 10.42
C PHE A 29 50.57 -8.52 9.07
N PRO A 30 51.82 -8.09 8.89
CA PRO A 30 52.42 -8.14 7.54
C PRO A 30 52.64 -9.54 6.99
N SER A 31 52.70 -10.58 7.83
CA SER A 31 53.20 -11.88 7.42
C SER A 31 52.11 -12.91 7.18
N SER A 32 50.86 -12.46 6.96
CA SER A 32 49.78 -13.38 6.63
C SER A 32 48.89 -12.74 5.58
N TRP A 33 48.47 -13.54 4.60
CA TRP A 33 47.46 -13.09 3.65
C TRP A 33 46.15 -12.82 4.38
N ILE A 34 45.40 -11.85 3.86
CA ILE A 34 44.03 -11.57 4.30
C ILE A 34 43.13 -11.75 3.08
N GLY A 35 42.19 -12.68 3.18
CA GLY A 35 41.25 -12.96 2.11
C GLY A 35 39.87 -12.44 2.48
N TRP A 36 39.09 -12.12 1.45
CA TRP A 36 37.70 -11.69 1.61
C TRP A 36 36.80 -12.71 0.95
N VAL A 37 35.71 -13.07 1.65
CA VAL A 37 34.80 -14.13 1.23
C VAL A 37 33.39 -13.60 1.35
N ARG A 38 32.57 -13.83 0.32
CA ARG A 38 31.19 -13.39 0.30
C ARG A 38 30.26 -14.57 0.52
N GLN A 39 29.21 -14.35 1.32
CA GLN A 39 28.19 -15.35 1.56
C GLN A 39 26.83 -14.66 1.49
N VAL A 40 26.09 -14.90 0.42
CA VAL A 40 24.69 -14.46 0.40
C VAL A 40 23.91 -15.29 1.43
N PRO A 41 23.04 -14.68 2.23
CA PRO A 41 22.36 -15.44 3.28
C PRO A 41 21.69 -16.69 2.74
N GLY A 42 21.95 -17.82 3.39
CA GLY A 42 21.42 -19.09 2.95
C GLY A 42 22.24 -19.79 1.89
N LYS A 43 23.22 -19.12 1.30
CA LYS A 43 24.03 -19.67 0.23
C LYS A 43 25.42 -20.03 0.76
N GLY A 44 26.31 -20.43 -0.15
CA GLY A 44 27.64 -20.87 0.22
C GLY A 44 28.68 -19.77 0.17
N LEU A 45 29.91 -20.16 0.45
CA LEU A 45 31.03 -19.23 0.50
C LEU A 45 31.61 -18.98 -0.90
N GLU A 46 31.90 -17.72 -1.19
CA GLU A 46 32.51 -17.33 -2.46
C GLU A 46 33.74 -16.50 -2.17
N TRP A 47 34.89 -16.92 -2.70
CA TRP A 47 36.12 -16.17 -2.54
C TRP A 47 36.13 -14.98 -3.50
N MET A 48 36.50 -13.81 -2.98
CA MET A 48 36.55 -12.59 -3.76
C MET A 48 37.97 -12.19 -4.13
N GLY A 49 38.84 -12.10 -3.13
CA GLY A 49 40.21 -11.68 -3.37
C GLY A 49 41.03 -11.85 -2.10
N ILE A 50 42.31 -11.51 -2.22
CA ILE A 50 43.25 -11.73 -1.14
C ILE A 50 44.41 -10.76 -1.31
N ILE A 51 44.92 -10.28 -0.18
CA ILE A 51 46.02 -9.31 -0.17
C ILE A 51 47.08 -9.78 0.81
N TYR A 52 48.35 -9.56 0.46
CA TYR A 52 49.45 -9.81 1.39
C TYR A 52 49.89 -8.46 1.94
N PRO A 53 49.57 -8.12 3.19
CA PRO A 53 49.85 -6.77 3.68
C PRO A 53 51.33 -6.41 3.69
N GLY A 54 52.23 -7.39 3.64
CA GLY A 54 53.65 -7.09 3.69
C GLY A 54 54.11 -6.19 2.56
N ASP A 55 53.47 -6.29 1.39
CA ASP A 55 53.84 -5.46 0.25
C ASP A 55 52.65 -5.05 -0.61
N GLY A 56 51.43 -5.49 -0.29
CA GLY A 56 50.26 -5.08 -1.03
C GLY A 56 49.92 -5.90 -2.24
N GLU A 57 50.56 -7.05 -2.44
CA GLU A 57 50.17 -7.92 -3.54
C GLU A 57 48.71 -8.32 -3.38
N THR A 58 47.95 -8.21 -4.46
CA THR A 58 46.53 -8.54 -4.45
C THR A 58 46.22 -9.52 -5.58
N ARG A 59 45.32 -10.46 -5.29
CA ARG A 59 44.82 -11.39 -6.29
C ARG A 59 43.31 -11.43 -6.17
N TYR A 60 42.61 -11.48 -7.30
CA TYR A 60 41.17 -11.39 -7.33
C TYR A 60 40.58 -12.53 -8.15
N ARG A 61 39.39 -12.98 -7.73
CA ARG A 61 38.56 -13.80 -8.60
C ARG A 61 38.17 -12.99 -9.83
N ALA A 62 38.24 -13.62 -11.00
CA ALA A 62 38.05 -12.89 -12.26
C ALA A 62 36.76 -12.07 -12.25
N SER A 63 35.67 -12.66 -11.76
CA SER A 63 34.38 -11.99 -11.81
C SER A 63 34.31 -10.78 -10.90
N PHE A 64 35.14 -10.71 -9.86
CA PHE A 64 35.13 -9.58 -8.94
C PHE A 64 36.14 -8.50 -9.33
N GLN A 65 37.07 -8.81 -10.22
CA GLN A 65 37.98 -7.78 -10.74
C GLN A 65 37.20 -6.64 -11.36
N GLY A 66 37.56 -5.41 -11.01
CA GLY A 66 36.91 -4.23 -11.52
C GLY A 66 35.71 -3.76 -10.72
N GLN A 67 35.19 -4.59 -9.83
CA GLN A 67 34.09 -4.20 -8.95
C GLN A 67 34.56 -3.83 -7.55
N VAL A 68 35.58 -4.50 -7.03
CA VAL A 68 36.06 -4.25 -5.68
C VAL A 68 37.56 -4.01 -5.71
N THR A 69 38.04 -3.33 -4.67
CA THR A 69 39.46 -3.09 -4.46
C THR A 69 39.78 -3.46 -3.02
N ILE A 70 40.88 -4.19 -2.83
CA ILE A 70 41.35 -4.59 -1.52
C ILE A 70 42.62 -3.80 -1.21
N SER A 71 42.71 -3.28 0.01
CA SER A 71 43.88 -2.53 0.43
C SER A 71 44.20 -2.86 1.88
N ALA A 72 45.34 -2.36 2.35
CA ALA A 72 45.76 -2.65 3.71
C ALA A 72 46.54 -1.48 4.28
N ASP A 73 46.41 -1.31 5.59
CA ASP A 73 47.08 -0.26 6.37
C ASP A 73 48.01 -0.96 7.35
N GLN A 74 49.31 -0.74 7.16
CA GLN A 74 50.35 -1.40 7.94
C GLN A 74 50.55 -0.78 9.31
N SER A 75 50.04 0.42 9.54
CA SER A 75 50.17 1.07 10.84
C SER A 75 49.02 0.70 11.77
N SER A 76 47.80 0.63 11.25
CA SER A 76 46.65 0.24 12.04
C SER A 76 46.34 -1.25 11.93
N ASN A 77 47.11 -1.99 11.14
CA ASN A 77 46.88 -3.41 10.93
C ASN A 77 45.45 -3.67 10.47
N THR A 78 45.04 -2.95 9.43
CA THR A 78 43.65 -3.02 8.98
C THR A 78 43.56 -3.29 7.49
N ALA A 79 42.80 -4.31 7.11
CA ALA A 79 42.52 -4.58 5.71
C ALA A 79 41.17 -3.98 5.33
N TYR A 80 41.03 -3.63 4.06
CA TYR A 80 39.83 -2.94 3.58
C TYR A 80 39.35 -3.57 2.29
N LEU A 81 38.03 -3.72 2.18
CA LEU A 81 37.34 -4.09 0.95
C LEU A 81 36.46 -2.91 0.54
N GLN A 82 36.56 -2.50 -0.72
CA GLN A 82 35.98 -1.23 -1.16
C GLN A 82 35.25 -1.40 -2.48
N TRP A 83 34.02 -0.90 -2.54
CA TRP A 83 33.23 -0.81 -3.76
C TRP A 83 33.16 0.64 -4.21
N SER A 84 33.38 0.87 -5.50
CA SER A 84 33.19 2.19 -6.08
C SER A 84 31.73 2.45 -6.40
N SER A 85 31.00 1.43 -6.86
CA SER A 85 29.60 1.57 -7.24
C SER A 85 28.86 0.29 -6.87
N LEU A 86 28.12 0.35 -5.77
CA LEU A 86 27.41 -0.83 -5.28
C LEU A 86 26.24 -1.18 -6.19
N LYS A 87 25.91 -2.47 -6.22
CA LYS A 87 24.72 -2.98 -6.89
C LYS A 87 23.86 -3.71 -5.87
N ALA A 88 22.58 -3.90 -6.23
CA ALA A 88 21.67 -4.62 -5.36
C ALA A 88 22.17 -6.04 -5.10
N SER A 89 22.80 -6.66 -6.09
CA SER A 89 23.30 -8.02 -5.94
C SER A 89 24.54 -8.11 -5.06
N ASP A 90 24.99 -6.99 -4.47
CA ASP A 90 26.09 -7.01 -3.50
C ASP A 90 25.61 -7.26 -2.08
N THR A 91 24.30 -7.37 -1.86
CA THR A 91 23.78 -7.69 -0.55
C THR A 91 24.28 -9.06 -0.10
N ALA A 92 25.00 -9.10 1.02
CA ALA A 92 25.56 -10.36 1.49
C ALA A 92 26.31 -10.12 2.80
N MET A 93 26.68 -11.22 3.46
CA MET A 93 27.65 -11.19 4.54
C MET A 93 29.05 -11.26 3.95
N TYR A 94 29.98 -10.50 4.52
CA TYR A 94 31.35 -10.47 4.05
C TYR A 94 32.29 -10.80 5.19
N TYR A 95 33.13 -11.80 5.00
CA TYR A 95 34.10 -12.23 6.00
C TYR A 95 35.51 -11.92 5.53
N CYS A 96 36.37 -11.58 6.48
CA CYS A 96 37.81 -11.59 6.26
C CYS A 96 38.42 -12.79 6.97
N ALA A 97 39.51 -13.30 6.44
CA ALA A 97 40.14 -14.48 7.01
C ALA A 97 41.65 -14.43 6.78
N ARG A 98 42.39 -14.90 7.77
CA ARG A 98 43.85 -14.94 7.71
C ARG A 98 44.32 -16.25 7.11
N HIS A 99 45.35 -16.18 6.26
CA HIS A 99 45.88 -17.34 5.57
C HIS A 99 47.40 -17.32 5.64
N GLY A 100 48.01 -18.49 5.90
CA GLY A 100 49.45 -18.56 6.05
C GLY A 100 50.17 -18.20 4.77
N ARG A 101 51.46 -17.86 4.92
CA ARG A 101 52.28 -17.37 3.83
C ARG A 101 53.11 -18.46 3.16
N GLY A 102 52.76 -19.73 3.38
CA GLY A 102 53.36 -20.82 2.63
C GLY A 102 54.57 -21.46 3.25
N VAL A 103 54.72 -21.41 4.57
CA VAL A 103 55.82 -22.07 5.27
C VAL A 103 55.23 -23.07 6.25
N ARG A 104 56.05 -24.05 6.63
CA ARG A 104 55.55 -25.13 7.47
C ARG A 104 55.20 -24.68 8.87
N GLU A 105 55.76 -23.56 9.33
CA GLU A 105 55.53 -23.12 10.71
C GLU A 105 54.13 -22.58 10.93
N VAL A 106 53.37 -22.32 9.85
CA VAL A 106 52.04 -21.73 9.95
C VAL A 106 51.03 -22.66 9.29
N ILE A 107 49.75 -22.40 9.56
CA ILE A 107 48.67 -23.14 8.92
C ILE A 107 48.41 -22.48 7.57
N ASN A 108 48.55 -23.26 6.49
CA ASN A 108 48.33 -22.77 5.14
C ASN A 108 46.85 -22.92 4.76
N ALA A 109 46.01 -22.23 5.51
CA ALA A 109 44.57 -22.27 5.34
C ALA A 109 43.99 -21.06 6.06
N PHE A 110 42.68 -20.87 5.90
CA PHE A 110 41.99 -19.77 6.57
C PHE A 110 41.74 -20.19 8.01
N ASP A 111 42.72 -19.97 8.88
CA ASP A 111 42.67 -20.49 10.23
C ASP A 111 42.01 -19.53 11.21
N ILE A 112 41.89 -18.26 10.87
CA ILE A 112 41.24 -17.27 11.72
C ILE A 112 40.28 -16.45 10.86
N TRP A 113 39.03 -16.35 11.28
CA TRP A 113 37.99 -15.64 10.53
C TRP A 113 37.46 -14.47 11.35
N GLY A 114 37.09 -13.40 10.64
CA GLY A 114 36.34 -12.33 11.27
C GLY A 114 34.89 -12.73 11.50
N GLN A 115 34.20 -11.92 12.30
CA GLN A 115 32.82 -12.24 12.67
C GLN A 115 31.82 -11.97 11.56
N GLY A 116 32.22 -11.27 10.50
CA GLY A 116 31.32 -10.97 9.40
C GLY A 116 30.72 -9.59 9.45
N THR A 117 30.55 -8.97 8.29
CA THR A 117 29.89 -7.68 8.14
C THR A 117 28.73 -7.86 7.16
N MET A 118 27.52 -7.58 7.60
CA MET A 118 26.35 -7.67 6.73
C MET A 118 26.21 -6.37 5.95
N VAL A 119 26.09 -6.48 4.63
CA VAL A 119 25.92 -5.34 3.74
C VAL A 119 24.60 -5.53 2.99
N THR A 120 23.69 -4.57 3.14
CA THR A 120 22.42 -4.57 2.43
C THR A 120 22.40 -3.37 1.48
N VAL A 121 22.12 -3.63 0.21
CA VAL A 121 22.04 -2.59 -0.81
C VAL A 121 20.61 -2.52 -1.31
N SER A 122 19.97 -1.37 -1.09
CA SER A 122 18.61 -1.15 -1.54
C SER A 122 18.39 0.32 -1.81
N SER A 123 17.64 0.62 -2.87
CA SER A 123 17.28 1.99 -3.21
C SER A 123 16.20 2.56 -2.32
N ALA A 124 15.68 1.78 -1.38
CA ALA A 124 14.50 2.15 -0.60
C ALA A 124 14.90 2.88 0.67
N SER A 125 13.94 3.65 1.19
CA SER A 125 14.03 4.25 2.51
C SER A 125 12.87 3.74 3.35
N THR A 126 12.79 4.23 4.59
CA THR A 126 11.81 3.72 5.55
C THR A 126 10.41 3.68 4.93
N LYS A 127 9.72 2.57 5.12
CA LYS A 127 8.42 2.34 4.50
C LYS A 127 7.68 1.27 5.30
N GLY A 128 6.42 1.56 5.65
CA GLY A 128 5.62 0.63 6.40
C GLY A 128 5.06 -0.48 5.53
N PRO A 129 4.67 -1.60 6.14
CA PRO A 129 4.21 -2.74 5.37
C PRO A 129 2.74 -2.65 4.98
N SER A 130 2.40 -3.38 3.92
CA SER A 130 1.01 -3.67 3.57
C SER A 130 0.70 -5.10 4.00
N VAL A 131 -0.40 -5.27 4.75
CA VAL A 131 -0.75 -6.57 5.31
C VAL A 131 -1.95 -7.11 4.56
N PHE A 132 -1.78 -8.28 3.94
CA PHE A 132 -2.85 -8.93 3.20
C PHE A 132 -3.20 -10.26 3.83
N PRO A 133 -4.47 -10.66 3.82
CA PRO A 133 -4.85 -11.94 4.43
C PRO A 133 -4.54 -13.12 3.53
N LEU A 134 -4.18 -14.24 4.15
CA LEU A 134 -4.04 -15.52 3.50
C LEU A 134 -5.14 -16.39 4.09
N ALA A 135 -6.30 -16.37 3.44
CA ALA A 135 -7.54 -16.90 4.00
C ALA A 135 -7.57 -18.42 3.90
N PRO A 136 -8.10 -19.11 4.91
CA PRO A 136 -8.28 -20.55 4.83
C PRO A 136 -9.49 -20.92 3.98
N SER A 137 -9.47 -22.14 3.46
CA SER A 137 -10.58 -22.64 2.66
C SER A 137 -10.86 -24.10 3.00
N GLY A 144 -8.17 -32.63 10.19
CA GLY A 144 -9.21 -31.64 10.38
C GLY A 144 -8.69 -30.31 10.87
N THR A 145 -7.61 -29.84 10.25
CA THR A 145 -7.02 -28.54 10.58
C THR A 145 -6.84 -27.74 9.30
N ALA A 146 -6.81 -26.41 9.46
CA ALA A 146 -6.68 -25.50 8.34
C ALA A 146 -5.59 -24.48 8.66
N ALA A 147 -4.84 -24.09 7.63
CA ALA A 147 -3.77 -23.12 7.74
C ALA A 147 -4.25 -21.77 7.25
N LEU A 148 -4.04 -20.73 8.05
CA LEU A 148 -4.35 -19.37 7.65
C LEU A 148 -3.22 -18.46 8.07
N GLY A 149 -3.06 -17.33 7.39
CA GLY A 149 -1.97 -16.45 7.75
C GLY A 149 -2.17 -15.04 7.26
N CYS A 150 -1.08 -14.28 7.33
CA CYS A 150 -1.07 -12.97 6.67
C CYS A 150 0.31 -12.70 6.08
N LEU A 151 0.27 -12.00 4.95
CA LEU A 151 1.44 -11.64 4.16
C LEU A 151 1.78 -10.18 4.41
N VAL A 152 2.96 -9.93 4.96
CA VAL A 152 3.44 -8.58 5.26
C VAL A 152 4.40 -8.19 4.16
N LYS A 153 4.03 -7.20 3.36
CA LYS A 153 4.64 -6.98 2.06
C LYS A 153 5.21 -5.57 1.94
N ASP A 154 6.36 -5.47 1.26
CA ASP A 154 6.91 -4.19 0.80
C ASP A 154 7.14 -3.21 1.95
N TYR A 155 7.99 -3.63 2.88
CA TYR A 155 8.42 -2.78 3.99
C TYR A 155 9.93 -2.67 4.01
N PHE A 156 10.41 -1.60 4.67
CA PHE A 156 11.83 -1.37 4.80
C PHE A 156 12.07 -0.40 5.93
N PRO A 157 13.11 -0.58 6.76
CA PRO A 157 14.02 -1.73 6.83
C PRO A 157 13.47 -2.82 7.75
N GLU A 158 14.26 -3.87 7.96
CA GLU A 158 13.91 -4.87 8.95
C GLU A 158 13.97 -4.25 10.35
N PRO A 159 13.30 -4.87 11.35
CA PRO A 159 12.43 -6.05 11.29
C PRO A 159 10.97 -5.71 11.51
N VAL A 160 10.08 -6.65 11.21
CA VAL A 160 8.69 -6.58 11.63
C VAL A 160 8.44 -7.73 12.59
N THR A 161 7.60 -7.51 13.59
CA THR A 161 7.19 -8.55 14.51
C THR A 161 5.72 -8.87 14.27
N VAL A 162 5.38 -10.15 14.34
CA VAL A 162 4.02 -10.60 14.08
C VAL A 162 3.56 -11.44 15.25
N SER A 163 2.35 -11.17 15.73
CA SER A 163 1.70 -12.00 16.73
C SER A 163 0.28 -12.29 16.26
N TRP A 164 -0.40 -13.17 16.97
CA TRP A 164 -1.78 -13.53 16.61
C TRP A 164 -2.67 -13.37 17.84
N ASN A 165 -3.79 -12.67 17.64
CA ASN A 165 -4.73 -12.38 18.71
C ASN A 165 -4.01 -11.80 19.92
N SER A 166 -3.06 -10.91 19.65
CA SER A 166 -2.32 -10.21 20.70
C SER A 166 -1.62 -11.18 21.64
N GLY A 167 -1.02 -12.22 21.06
CA GLY A 167 -0.28 -13.20 21.83
C GLY A 167 -1.13 -14.30 22.44
N ALA A 168 -2.45 -14.24 22.31
CA ALA A 168 -3.30 -15.28 22.87
C ALA A 168 -3.31 -16.55 22.02
N LEU A 169 -2.95 -16.45 20.74
CA LEU A 169 -2.86 -17.61 19.85
C LEU A 169 -1.39 -17.86 19.54
N THR A 170 -0.81 -18.88 20.17
CA THR A 170 0.60 -19.18 19.98
C THR A 170 0.92 -20.58 19.50
N SER A 171 -0.04 -21.51 19.47
CA SER A 171 0.24 -22.88 19.09
C SER A 171 -0.06 -23.05 17.61
N GLY A 172 0.90 -23.61 16.89
CA GLY A 172 0.82 -23.74 15.45
C GLY A 172 1.23 -22.49 14.69
N VAL A 173 1.85 -21.52 15.36
CA VAL A 173 2.23 -20.24 14.76
C VAL A 173 3.68 -20.31 14.32
N HIS A 174 3.95 -19.87 13.09
CA HIS A 174 5.31 -19.70 12.63
C HIS A 174 5.41 -18.44 11.78
N THR A 175 6.39 -17.60 12.09
CA THR A 175 6.70 -16.41 11.30
C THR A 175 7.99 -16.68 10.55
N PHE A 176 7.93 -16.57 9.22
CA PHE A 176 9.07 -16.91 8.38
C PHE A 176 10.04 -15.73 8.28
N PRO A 177 11.31 -16.00 7.96
CA PRO A 177 12.24 -14.91 7.70
C PRO A 177 11.83 -14.13 6.45
N ALA A 178 12.28 -12.88 6.38
CA ALA A 178 11.91 -12.01 5.29
C ALA A 178 12.75 -12.32 4.05
N VAL A 179 12.19 -11.97 2.90
CA VAL A 179 12.91 -12.01 1.63
C VAL A 179 13.10 -10.59 1.14
N LEU A 180 14.26 -10.30 0.57
CA LEU A 180 14.55 -8.99 0.00
C LEU A 180 14.26 -9.06 -1.50
N GLN A 181 13.24 -8.33 -1.92
CA GLN A 181 12.80 -8.36 -3.31
C GLN A 181 13.68 -7.47 -4.18
N SER A 182 13.61 -7.69 -5.49
CA SER A 182 14.37 -6.88 -6.42
C SER A 182 14.02 -5.40 -6.33
N SER A 183 12.87 -5.08 -5.74
CA SER A 183 12.47 -3.70 -5.52
C SER A 183 13.23 -3.02 -4.38
N GLY A 184 14.02 -3.78 -3.62
CA GLY A 184 14.69 -3.24 -2.47
C GLY A 184 13.88 -3.26 -1.19
N LEU A 185 12.70 -3.89 -1.21
CA LEU A 185 11.83 -3.95 -0.05
C LEU A 185 11.71 -5.39 0.45
N TYR A 186 11.32 -5.53 1.71
CA TYR A 186 11.20 -6.82 2.36
C TYR A 186 9.76 -7.31 2.35
N SER A 187 9.60 -8.63 2.33
CA SER A 187 8.31 -9.26 2.50
C SER A 187 8.48 -10.53 3.31
N LEU A 188 7.49 -10.84 4.14
CA LEU A 188 7.47 -12.09 4.90
C LEU A 188 6.03 -12.55 5.06
N SER A 189 5.88 -13.72 5.66
CA SER A 189 4.57 -14.30 5.93
C SER A 189 4.54 -14.82 7.35
N SER A 190 3.35 -14.84 7.93
CA SER A 190 3.11 -15.54 9.19
C SER A 190 1.93 -16.48 9.01
N VAL A 191 2.03 -17.68 9.58
CA VAL A 191 1.03 -18.72 9.38
C VAL A 191 0.68 -19.34 10.72
N VAL A 192 -0.55 -19.87 10.79
CA VAL A 192 -1.03 -20.57 11.98
C VAL A 192 -1.99 -21.66 11.53
N THR A 193 -1.89 -22.81 12.19
CA THR A 193 -2.77 -23.95 11.94
C THR A 193 -3.79 -24.04 13.06
N VAL A 194 -5.07 -24.13 12.70
CA VAL A 194 -6.15 -24.07 13.67
C VAL A 194 -7.20 -25.13 13.33
N PRO A 195 -8.00 -25.53 14.32
CA PRO A 195 -9.08 -26.48 14.04
C PRO A 195 -10.06 -25.90 13.03
N SER A 196 -10.35 -26.69 11.99
CA SER A 196 -11.24 -26.22 10.93
C SER A 196 -12.67 -26.03 11.40
N SER A 197 -13.03 -26.53 12.58
CA SER A 197 -14.38 -26.32 13.10
C SER A 197 -14.54 -24.95 13.74
N SER A 198 -13.45 -24.36 14.24
CA SER A 198 -13.49 -23.06 14.88
C SER A 198 -13.49 -21.91 13.88
N LEU A 199 -13.35 -22.19 12.59
CA LEU A 199 -13.26 -21.12 11.60
C LEU A 199 -14.53 -20.27 11.59
N GLY A 200 -15.68 -20.90 11.80
CA GLY A 200 -16.93 -20.15 11.76
C GLY A 200 -17.09 -19.19 12.94
N THR A 201 -16.70 -19.63 14.13
CA THR A 201 -16.92 -18.85 15.34
C THR A 201 -15.71 -18.01 15.74
N GLN A 202 -14.54 -18.63 15.85
CA GLN A 202 -13.37 -17.94 16.36
C GLN A 202 -12.89 -16.88 15.37
N THR A 203 -12.40 -15.76 15.90
CA THR A 203 -11.84 -14.69 15.10
C THR A 203 -10.33 -14.71 15.23
N TYR A 204 -9.63 -14.61 14.10
CA TYR A 204 -8.17 -14.66 14.08
C TYR A 204 -7.65 -13.35 13.51
N ILE A 205 -6.79 -12.68 14.27
CA ILE A 205 -6.26 -11.37 13.91
C ILE A 205 -4.74 -11.43 14.07
N CYS A 206 -4.02 -11.11 13.00
CA CYS A 206 -2.56 -10.99 13.09
C CYS A 206 -2.19 -9.54 13.30
N ASN A 207 -1.30 -9.32 14.26
CA ASN A 207 -0.82 -8.00 14.65
C ASN A 207 0.60 -7.86 14.14
N VAL A 208 0.80 -6.93 13.21
CA VAL A 208 2.09 -6.64 12.61
C VAL A 208 2.60 -5.33 13.20
N ASN A 209 3.87 -5.32 13.62
CA ASN A 209 4.48 -4.14 14.20
C ASN A 209 5.78 -3.85 13.47
N HIS A 210 5.90 -2.63 12.96
CA HIS A 210 7.10 -2.16 12.25
C HIS A 210 7.50 -0.86 12.92
N LYS A 211 8.42 -0.94 13.87
CA LYS A 211 8.84 0.20 14.67
C LYS A 211 9.61 1.23 13.85
N PRO A 212 10.47 0.81 12.91
CA PRO A 212 11.19 1.82 12.09
C PRO A 212 10.28 2.83 11.43
N SER A 213 9.09 2.43 10.99
CA SER A 213 8.11 3.35 10.43
C SER A 213 7.02 3.70 11.42
N ASN A 214 7.10 3.20 12.66
CA ASN A 214 6.12 3.48 13.69
C ASN A 214 4.71 3.10 13.23
N THR A 215 4.58 1.87 12.74
CA THR A 215 3.32 1.38 12.20
C THR A 215 2.89 0.11 12.93
N LYS A 216 1.62 0.05 13.28
CA LYS A 216 0.99 -1.17 13.78
C LYS A 216 -0.23 -1.45 12.93
N VAL A 217 -0.41 -2.71 12.54
CA VAL A 217 -1.53 -3.12 11.71
C VAL A 217 -2.17 -4.35 12.35
N ASP A 218 -3.49 -4.32 12.49
CA ASP A 218 -4.25 -5.48 12.95
C ASP A 218 -5.14 -5.93 11.80
N LYS A 219 -4.92 -7.15 11.32
CA LYS A 219 -5.65 -7.67 10.17
C LYS A 219 -6.37 -8.94 10.59
N LYS A 220 -7.70 -8.92 10.49
CA LYS A 220 -8.50 -10.11 10.77
C LYS A 220 -8.57 -10.95 9.50
N VAL A 221 -8.20 -12.21 9.62
CA VAL A 221 -8.18 -13.15 8.49
C VAL A 221 -9.41 -14.03 8.59
N GLU A 222 -10.23 -14.04 7.55
CA GLU A 222 -11.47 -14.77 7.53
C GLU A 222 -11.51 -15.75 6.37
N PRO A 223 -12.30 -16.80 6.46
CA PRO A 223 -12.52 -17.66 5.28
C PRO A 223 -13.32 -16.93 4.22
N LYS A 224 -13.04 -17.25 2.97
CA LYS A 224 -13.74 -16.67 1.83
C LYS A 224 -14.85 -17.60 1.36
N SER A 225 -15.85 -17.02 0.69
CA SER A 225 -16.97 -17.80 0.19
C SER A 225 -16.56 -18.65 -1.00
N TYR B 2 37.38 -24.46 -12.55
CA TYR B 2 37.49 -25.60 -11.65
C TYR B 2 36.35 -25.57 -10.64
N GLU B 3 35.83 -26.76 -10.29
CA GLU B 3 34.67 -26.87 -9.42
C GLU B 3 34.91 -27.96 -8.37
N LEU B 4 34.48 -27.68 -7.14
CA LEU B 4 34.46 -28.65 -6.07
C LEU B 4 33.02 -29.07 -5.81
N THR B 5 32.76 -30.37 -5.85
CA THR B 5 31.41 -30.92 -5.76
C THR B 5 31.21 -31.52 -4.38
N GLN B 6 30.22 -31.00 -3.65
CA GLN B 6 29.81 -31.53 -2.36
C GLN B 6 28.34 -31.93 -2.38
N PRO B 7 27.95 -32.94 -1.63
CA PRO B 7 26.52 -33.24 -1.48
C PRO B 7 25.81 -32.13 -0.74
N PRO B 8 24.67 -31.65 -1.23
CA PRO B 8 24.01 -30.53 -0.53
C PRO B 8 23.63 -30.84 0.91
N SER B 9 23.25 -32.08 1.20
CA SER B 9 22.81 -32.43 2.54
C SER B 9 23.23 -33.86 2.87
N VAL B 10 23.57 -34.09 4.13
CA VAL B 10 23.91 -35.42 4.65
C VAL B 10 23.32 -35.55 6.04
N SER B 11 22.65 -36.67 6.31
CA SER B 11 22.07 -36.94 7.62
C SER B 11 22.57 -38.28 8.12
N VAL B 12 22.94 -38.33 9.40
CA VAL B 12 23.50 -39.52 10.02
C VAL B 12 22.98 -39.64 11.44
N ALA B 13 22.90 -40.89 11.91
CA ALA B 13 22.52 -41.14 13.29
C ALA B 13 23.66 -40.75 14.23
N PRO B 14 23.35 -40.27 15.43
CA PRO B 14 24.43 -39.92 16.37
C PRO B 14 25.21 -41.16 16.78
N GLY B 15 26.53 -40.99 16.95
CA GLY B 15 27.41 -42.07 17.30
C GLY B 15 28.00 -42.84 16.12
N THR B 16 27.40 -42.71 14.94
CA THR B 16 27.93 -43.35 13.75
C THR B 16 28.98 -42.44 13.10
N THR B 17 29.58 -42.91 12.02
CA THR B 17 30.61 -42.15 11.32
C THR B 17 29.96 -41.32 10.22
N ALA B 18 30.20 -40.02 10.23
CA ALA B 18 29.71 -39.12 9.21
C ALA B 18 30.79 -38.94 8.14
N THR B 19 30.39 -39.03 6.87
CA THR B 19 31.31 -38.92 5.74
C THR B 19 30.80 -37.84 4.79
N ILE B 20 31.62 -36.82 4.54
CA ILE B 20 31.30 -35.77 3.59
C ILE B 20 32.38 -35.75 2.53
N THR B 21 31.98 -35.85 1.26
CA THR B 21 32.91 -35.94 0.15
C THR B 21 33.02 -34.60 -0.59
N CYS B 22 34.17 -34.42 -1.23
CA CYS B 22 34.47 -33.20 -1.99
C CYS B 22 34.98 -33.62 -3.36
N GLY B 23 34.23 -33.30 -4.41
CA GLY B 23 34.52 -33.79 -5.74
C GLY B 23 35.28 -32.79 -6.57
N GLY B 24 36.45 -33.19 -7.05
CA GLY B 24 37.24 -32.36 -7.93
C GLY B 24 38.12 -33.22 -8.82
N VAL B 25 38.50 -32.67 -9.97
CA VAL B 25 39.36 -33.36 -10.91
C VAL B 25 40.79 -33.31 -10.37
N ASP B 26 41.40 -34.49 -10.19
CA ASP B 26 42.76 -34.57 -9.69
C ASP B 26 42.93 -33.80 -8.38
N ILE B 27 41.89 -33.75 -7.56
CA ILE B 27 41.96 -33.05 -6.30
C ILE B 27 42.98 -33.70 -5.37
N GLY B 28 43.31 -34.97 -5.60
CA GLY B 28 44.32 -35.64 -4.80
C GLY B 28 45.72 -35.08 -4.99
N SER B 29 45.94 -34.31 -6.05
CA SER B 29 47.24 -33.70 -6.30
C SER B 29 47.40 -32.34 -5.63
N THR B 30 46.39 -31.87 -4.90
CA THR B 30 46.51 -30.63 -4.14
C THR B 30 46.14 -30.87 -2.68
N LEU B 31 46.06 -29.81 -1.90
CA LEU B 31 45.73 -29.90 -0.48
C LEU B 31 44.32 -29.36 -0.26
N VAL B 32 43.52 -30.11 0.49
CA VAL B 32 42.12 -29.78 0.74
C VAL B 32 41.96 -29.40 2.20
N HIS B 33 41.18 -28.34 2.45
CA HIS B 33 40.90 -27.87 3.78
C HIS B 33 39.40 -27.87 4.02
N TRP B 34 38.99 -28.07 5.27
CA TRP B 34 37.59 -28.23 5.64
C TRP B 34 37.24 -27.26 6.76
N TYR B 35 36.13 -26.54 6.56
CA TYR B 35 35.64 -25.53 7.48
C TYR B 35 34.23 -25.88 7.95
N GLN B 36 33.96 -25.60 9.22
CA GLN B 36 32.66 -25.80 9.85
C GLN B 36 32.01 -24.44 10.10
N GLN B 37 30.71 -24.34 9.78
CA GLN B 37 29.95 -23.12 10.01
C GLN B 37 28.61 -23.47 10.62
N ARG B 38 28.35 -22.92 11.77
CA ARG B 38 27.05 -23.03 12.42
C ARG B 38 26.19 -21.83 12.05
N PRO B 39 24.87 -21.97 12.05
CA PRO B 39 24.00 -20.85 11.65
C PRO B 39 24.27 -19.61 12.49
N GLY B 40 24.49 -18.49 11.80
CA GLY B 40 24.74 -17.23 12.46
C GLY B 40 26.17 -16.98 12.87
N GLN B 41 27.08 -17.92 12.63
CA GLN B 41 28.47 -17.82 13.08
C GLN B 41 29.41 -17.81 11.88
N ALA B 42 30.65 -17.42 12.15
CA ALA B 42 31.68 -17.43 11.13
C ALA B 42 32.21 -18.85 10.92
N PRO B 43 32.76 -19.14 9.75
CA PRO B 43 33.36 -20.46 9.53
C PRO B 43 34.48 -20.73 10.53
N LEU B 44 34.75 -22.02 10.72
CA LEU B 44 35.78 -22.50 11.63
C LEU B 44 36.59 -23.60 10.94
N LEU B 45 37.91 -23.44 10.90
CA LEU B 45 38.77 -24.43 10.30
C LEU B 45 38.80 -25.68 11.15
N VAL B 46 38.41 -26.82 10.58
CA VAL B 46 38.45 -28.09 11.29
C VAL B 46 39.50 -29.04 10.74
N ILE B 47 39.82 -28.97 9.44
CA ILE B 47 40.89 -29.80 8.89
C ILE B 47 41.67 -28.98 7.88
N TYR B 48 42.99 -29.13 7.88
CA TYR B 48 43.83 -28.50 6.87
C TYR B 48 44.89 -29.49 6.40
N ASP B 49 45.40 -29.25 5.20
CA ASP B 49 46.41 -30.12 4.59
C ASP B 49 45.95 -31.57 4.59
N ASP B 50 44.67 -31.77 4.23
CA ASP B 50 44.05 -33.08 4.07
C ASP B 50 43.73 -33.75 5.40
N SER B 51 44.74 -33.97 6.25
CA SER B 51 44.57 -34.80 7.43
C SER B 51 44.99 -34.15 8.75
N ASP B 52 45.21 -32.84 8.77
CA ASP B 52 45.75 -32.17 9.96
C ASP B 52 44.64 -31.41 10.68
N ARG B 53 44.59 -31.56 12.01
CA ARG B 53 43.62 -30.88 12.87
C ARG B 53 44.25 -29.66 13.51
N PRO B 54 43.61 -28.50 13.47
CA PRO B 54 44.06 -27.37 14.28
C PRO B 54 43.81 -27.63 15.76
N SER B 55 44.56 -26.92 16.60
CA SER B 55 44.39 -27.05 18.04
C SER B 55 42.96 -26.69 18.42
N GLY B 56 42.40 -27.44 19.37
CA GLY B 56 41.05 -27.24 19.82
C GLY B 56 40.00 -28.04 19.08
N ILE B 57 40.37 -28.75 18.04
CA ILE B 57 39.46 -29.58 17.27
C ILE B 57 39.56 -31.01 17.77
N PRO B 58 38.46 -31.65 18.16
CA PRO B 58 38.55 -32.99 18.74
C PRO B 58 39.07 -34.00 17.73
N GLU B 59 39.66 -35.08 18.25
CA GLU B 59 40.33 -36.06 17.41
C GLU B 59 39.36 -36.87 16.55
N ARG B 60 38.07 -36.88 16.87
CA ARG B 60 37.13 -37.63 16.05
C ARG B 60 37.06 -37.08 14.62
N PHE B 61 37.42 -35.81 14.42
CA PHE B 61 37.52 -35.26 13.08
C PHE B 61 38.78 -35.77 12.40
N SER B 62 38.65 -36.21 11.15
CA SER B 62 39.79 -36.66 10.36
C SER B 62 39.49 -36.39 8.90
N GLY B 63 40.51 -36.55 8.06
CA GLY B 63 40.35 -36.29 6.64
C GLY B 63 41.29 -37.13 5.80
N SER B 64 40.93 -37.28 4.54
CA SER B 64 41.76 -37.97 3.57
C SER B 64 41.53 -37.34 2.20
N ASN B 65 42.41 -37.66 1.27
CA ASN B 65 42.34 -37.05 -0.06
C ASN B 65 43.17 -37.88 -1.03
N SER B 66 42.55 -38.30 -2.14
CA SER B 66 43.28 -39.05 -3.15
C SER B 66 42.46 -39.13 -4.41
N GLY B 67 43.13 -39.46 -5.51
CA GLY B 67 42.48 -39.57 -6.80
C GLY B 67 41.66 -38.34 -7.13
N ASN B 68 40.34 -38.52 -7.27
CA ASN B 68 39.44 -37.43 -7.59
C ASN B 68 38.47 -37.13 -6.46
N MET B 69 38.79 -37.54 -5.23
CA MET B 69 37.89 -37.30 -4.11
C MET B 69 38.68 -37.08 -2.83
N ALA B 70 38.22 -36.09 -2.06
CA ALA B 70 38.64 -35.87 -0.69
C ALA B 70 37.47 -36.14 0.23
N THR B 71 37.77 -36.44 1.49
CA THR B 71 36.76 -36.88 2.44
C THR B 71 37.03 -36.28 3.81
N LEU B 72 35.97 -35.71 4.41
CA LEU B 72 35.94 -35.37 5.82
C LEU B 72 35.18 -36.46 6.55
N THR B 73 35.75 -36.92 7.67
CA THR B 73 35.18 -38.02 8.43
C THR B 73 35.04 -37.56 9.87
N ILE B 74 33.84 -37.74 10.43
CA ILE B 74 33.58 -37.42 11.83
C ILE B 74 33.14 -38.71 12.51
N SER B 75 34.02 -39.29 13.29
CA SER B 75 33.70 -40.51 14.02
C SER B 75 32.84 -40.16 15.22
N ARG B 76 32.04 -41.13 15.68
CA ARG B 76 31.20 -40.97 16.85
C ARG B 76 30.51 -39.60 16.82
N VAL B 77 29.90 -39.30 15.68
CA VAL B 77 29.34 -37.97 15.44
C VAL B 77 28.36 -37.62 16.55
N GLU B 78 28.40 -36.37 16.99
CA GLU B 78 27.55 -35.91 18.08
C GLU B 78 26.64 -34.79 17.60
N ALA B 79 25.61 -34.51 18.40
CA ALA B 79 24.65 -33.47 18.05
C ALA B 79 25.35 -32.14 17.82
N GLY B 80 26.40 -31.86 18.58
CA GLY B 80 27.12 -30.61 18.45
C GLY B 80 27.84 -30.44 17.12
N ASP B 81 27.99 -31.52 16.36
CA ASP B 81 28.64 -31.44 15.06
C ASP B 81 27.69 -31.05 13.94
N GLU B 82 26.39 -30.95 14.22
CA GLU B 82 25.42 -30.52 13.21
C GLU B 82 25.77 -29.14 12.71
N ALA B 83 25.92 -28.99 11.39
CA ALA B 83 26.39 -27.72 10.84
C ALA B 83 26.64 -27.79 9.34
N ASP B 84 27.02 -26.68 8.72
CA ASP B 84 27.45 -26.71 7.33
C ASP B 84 28.95 -26.93 7.27
N TYR B 85 29.39 -27.64 6.24
CA TYR B 85 30.80 -27.95 6.05
C TYR B 85 31.20 -27.63 4.63
N TYR B 86 32.37 -26.99 4.50
CA TYR B 86 32.87 -26.53 3.20
C TYR B 86 34.28 -27.04 2.99
N CYS B 87 34.54 -27.61 1.81
CA CYS B 87 35.90 -27.91 1.40
C CYS B 87 36.45 -26.76 0.56
N GLN B 88 37.77 -26.64 0.57
CA GLN B 88 38.44 -25.50 -0.04
C GLN B 88 39.82 -25.91 -0.52
N VAL B 89 40.21 -25.37 -1.67
CA VAL B 89 41.53 -25.59 -2.23
C VAL B 89 42.07 -24.29 -2.81
N TRP B 90 43.38 -24.24 -2.97
CA TRP B 90 44.07 -23.18 -3.70
C TRP B 90 44.51 -23.80 -5.02
N HIS B 91 43.74 -23.56 -6.08
CA HIS B 91 43.93 -24.31 -7.32
C HIS B 91 45.08 -23.73 -8.14
N SER B 92 45.05 -22.42 -8.40
CA SER B 92 46.08 -21.75 -9.17
C SER B 92 46.41 -20.43 -8.49
N THR B 93 47.31 -19.66 -9.10
CA THR B 93 47.81 -18.43 -8.50
C THR B 93 46.67 -17.57 -7.98
N SER B 94 45.72 -17.22 -8.86
CA SER B 94 44.63 -16.33 -8.52
C SER B 94 43.32 -17.05 -8.24
N ALA B 95 43.33 -18.38 -8.13
CA ALA B 95 42.11 -19.16 -7.95
C ALA B 95 42.09 -19.84 -6.59
N VAL B 96 41.20 -19.38 -5.72
CA VAL B 96 40.89 -20.02 -4.45
C VAL B 96 39.43 -20.46 -4.53
N ILE B 97 39.17 -21.74 -4.30
CA ILE B 97 37.85 -22.30 -4.56
C ILE B 97 37.30 -22.98 -3.31
N PHE B 98 36.04 -22.68 -3.01
CA PHE B 98 35.27 -23.37 -1.98
C PHE B 98 34.27 -24.31 -2.64
N GLY B 99 34.01 -25.43 -1.99
CA GLY B 99 32.91 -26.27 -2.41
C GLY B 99 31.56 -25.64 -2.09
N GLY B 100 30.51 -26.21 -2.67
CA GLY B 100 29.18 -25.68 -2.48
C GLY B 100 28.65 -25.80 -1.07
N GLY B 101 29.27 -26.60 -0.23
CA GLY B 101 28.81 -26.75 1.13
C GLY B 101 27.89 -27.95 1.31
N THR B 102 27.89 -28.48 2.54
CA THR B 102 27.10 -29.66 2.87
C THR B 102 26.47 -29.43 4.24
N LYS B 103 25.15 -29.53 4.32
CA LYS B 103 24.45 -29.41 5.59
C LYS B 103 24.43 -30.79 6.24
N LEU B 104 25.18 -30.94 7.34
CA LEU B 104 25.20 -32.17 8.11
C LEU B 104 24.17 -32.07 9.23
N THR B 105 23.17 -32.95 9.18
CA THR B 105 22.16 -33.09 10.21
C THR B 105 22.43 -34.36 11.00
N VAL B 106 22.45 -34.25 12.32
CA VAL B 106 22.61 -35.39 13.20
C VAL B 106 21.22 -35.75 13.71
N LEU B 107 20.66 -36.83 13.19
CA LEU B 107 19.25 -37.14 13.39
C LEU B 107 18.90 -37.23 14.87
N SER B 108 18.04 -36.31 15.32
CA SER B 108 17.52 -36.31 16.67
C SER B 108 16.06 -36.74 16.72
N GLN B 109 15.46 -37.07 15.58
CA GLN B 109 14.06 -37.49 15.50
C GLN B 109 13.84 -38.13 14.13
N PRO B 110 12.76 -38.88 13.97
CA PRO B 110 12.53 -39.55 12.69
C PRO B 110 12.17 -38.57 11.58
N LYS B 111 12.43 -39.00 10.35
CA LYS B 111 12.19 -38.16 9.19
C LYS B 111 10.71 -37.85 9.05
N ALA B 112 10.41 -36.60 8.71
CA ALA B 112 9.04 -36.11 8.60
C ALA B 112 8.86 -35.41 7.28
N ALA B 113 7.83 -35.79 6.52
CA ALA B 113 7.54 -35.17 5.25
C ALA B 113 6.89 -33.80 5.47
N PRO B 114 7.07 -32.88 4.52
CA PRO B 114 6.51 -31.54 4.70
C PRO B 114 5.02 -31.47 4.45
N SER B 115 4.36 -30.60 5.20
CA SER B 115 2.99 -30.19 4.93
C SER B 115 3.03 -28.88 4.14
N VAL B 116 2.35 -28.86 3.01
CA VAL B 116 2.40 -27.74 2.07
C VAL B 116 1.03 -27.11 1.98
N THR B 117 1.00 -25.78 2.00
CA THR B 117 -0.23 -25.01 1.80
C THR B 117 0.05 -23.94 0.75
N LEU B 118 -0.77 -23.93 -0.30
CA LEU B 118 -0.61 -22.99 -1.41
C LEU B 118 -1.78 -22.01 -1.38
N PHE B 119 -1.48 -20.73 -1.07
CA PHE B 119 -2.46 -19.65 -1.03
C PHE B 119 -2.42 -18.88 -2.35
N PRO B 120 -3.56 -18.70 -3.02
CA PRO B 120 -3.60 -17.84 -4.20
C PRO B 120 -3.62 -16.37 -3.79
N PRO B 121 -3.42 -15.46 -4.74
CA PRO B 121 -3.48 -14.03 -4.40
C PRO B 121 -4.85 -13.66 -3.84
N SER B 122 -4.84 -12.96 -2.72
CA SER B 122 -6.08 -12.44 -2.16
C SER B 122 -6.67 -11.37 -3.10
N SER B 123 -7.96 -11.12 -2.94
CA SER B 123 -8.62 -10.11 -3.76
C SER B 123 -8.06 -8.73 -3.46
N GLU B 124 -7.72 -8.45 -2.20
CA GLU B 124 -7.18 -7.14 -1.86
C GLU B 124 -5.86 -6.87 -2.56
N GLU B 125 -4.98 -7.87 -2.61
CA GLU B 125 -3.71 -7.68 -3.31
C GLU B 125 -3.95 -7.40 -4.79
N LEU B 126 -4.90 -8.12 -5.39
CA LEU B 126 -5.25 -7.84 -6.78
C LEU B 126 -5.78 -6.41 -6.95
N GLN B 127 -6.46 -5.89 -5.93
CA GLN B 127 -6.88 -4.49 -5.96
C GLN B 127 -5.69 -3.54 -5.98
N ALA B 128 -4.56 -3.96 -5.41
CA ALA B 128 -3.32 -3.19 -5.47
C ALA B 128 -2.52 -3.45 -6.74
N ASN B 129 -3.10 -4.17 -7.70
CA ASN B 129 -2.44 -4.46 -8.98
C ASN B 129 -1.18 -5.31 -8.79
N LYS B 130 -1.23 -6.24 -7.85
CA LYS B 130 -0.16 -7.22 -7.66
C LYS B 130 -0.78 -8.58 -7.38
N ALA B 131 -0.08 -9.64 -7.80
CA ALA B 131 -0.51 -11.01 -7.52
C ALA B 131 0.67 -11.77 -6.94
N THR B 132 0.45 -12.45 -5.82
CA THR B 132 1.50 -13.24 -5.19
C THR B 132 0.92 -14.57 -4.75
N LEU B 133 1.41 -15.66 -5.33
CA LEU B 133 1.11 -17.00 -4.83
C LEU B 133 2.09 -17.32 -3.70
N VAL B 134 1.57 -17.80 -2.57
CA VAL B 134 2.37 -18.04 -1.38
C VAL B 134 2.33 -19.52 -1.04
N CYS B 135 3.49 -20.16 -1.02
CA CYS B 135 3.62 -21.58 -0.71
C CYS B 135 4.32 -21.73 0.62
N LEU B 136 3.58 -22.14 1.65
CA LEU B 136 4.14 -22.32 2.98
C LEU B 136 4.36 -23.79 3.26
N ILE B 137 5.56 -24.14 3.74
CA ILE B 137 5.98 -25.51 3.94
C ILE B 137 6.38 -25.65 5.40
N SER B 138 5.85 -26.66 6.07
CA SER B 138 6.05 -26.77 7.52
C SER B 138 6.21 -28.22 7.94
N ASP B 139 6.88 -28.40 9.09
CA ASP B 139 6.90 -29.68 9.80
C ASP B 139 7.66 -30.76 9.03
N PHE B 140 8.79 -30.39 8.44
CA PHE B 140 9.64 -31.37 7.76
C PHE B 140 10.98 -31.48 8.48
N TYR B 141 11.60 -32.64 8.33
CA TYR B 141 12.87 -32.95 8.99
C TYR B 141 13.55 -34.10 8.24
N PRO B 142 14.84 -33.99 7.90
CA PRO B 142 15.77 -32.88 8.13
C PRO B 142 15.38 -31.61 7.40
N GLY B 143 16.07 -30.51 7.69
CA GLY B 143 15.71 -29.21 7.16
C GLY B 143 16.32 -28.92 5.81
N ALA B 144 16.04 -29.77 4.82
CA ALA B 144 16.53 -29.56 3.45
C ALA B 144 15.42 -29.94 2.49
N VAL B 145 14.96 -28.95 1.70
CA VAL B 145 13.94 -29.17 0.68
C VAL B 145 14.35 -28.45 -0.59
N THR B 146 13.73 -28.82 -1.70
CA THR B 146 13.85 -28.06 -2.93
C THR B 146 12.44 -27.71 -3.42
N VAL B 147 12.25 -26.47 -3.85
CA VAL B 147 10.94 -25.96 -4.22
C VAL B 147 10.96 -25.65 -5.72
N ALA B 148 9.93 -26.12 -6.41
CA ALA B 148 9.74 -25.85 -7.83
C ALA B 148 8.34 -25.32 -8.07
N TRP B 149 8.22 -24.41 -9.04
CA TRP B 149 6.95 -23.82 -9.40
C TRP B 149 6.59 -24.20 -10.83
N LYS B 150 5.31 -24.50 -11.05
CA LYS B 150 4.81 -24.86 -12.37
C LYS B 150 3.65 -23.96 -12.73
N ALA B 151 3.70 -23.39 -13.93
CA ALA B 151 2.54 -22.71 -14.52
C ALA B 151 1.92 -23.68 -15.52
N ASP B 152 0.68 -24.08 -15.25
CA ASP B 152 0.10 -25.24 -15.93
C ASP B 152 1.00 -26.46 -15.69
N SER B 153 1.86 -26.78 -16.65
CA SER B 153 2.79 -27.88 -16.50
C SER B 153 4.23 -27.49 -16.79
N SER B 154 4.50 -26.20 -17.01
CA SER B 154 5.85 -25.77 -17.35
C SER B 154 6.55 -25.19 -16.13
N PRO B 155 7.81 -25.52 -15.88
CA PRO B 155 8.53 -24.89 -14.76
C PRO B 155 8.75 -23.42 -15.02
N VAL B 156 8.68 -22.62 -13.95
CA VAL B 156 8.92 -21.18 -14.03
C VAL B 156 9.97 -20.83 -12.98
N LYS B 157 10.95 -20.02 -13.38
CA LYS B 157 11.98 -19.52 -12.48
C LYS B 157 11.93 -18.03 -12.27
N ALA B 158 11.32 -17.28 -13.20
CA ALA B 158 11.20 -15.84 -13.06
C ALA B 158 10.11 -15.49 -12.04
N GLY B 159 10.45 -14.62 -11.11
CA GLY B 159 9.50 -14.18 -10.10
C GLY B 159 9.40 -15.05 -8.87
N VAL B 160 10.36 -15.95 -8.67
CA VAL B 160 10.34 -16.89 -7.55
C VAL B 160 11.31 -16.42 -6.48
N GLU B 161 10.86 -16.41 -5.23
CA GLU B 161 11.71 -16.10 -4.08
C GLU B 161 11.47 -17.15 -3.01
N THR B 162 12.54 -17.75 -2.50
CA THR B 162 12.42 -18.82 -1.52
C THR B 162 13.33 -18.55 -0.33
N THR B 163 12.80 -18.76 0.87
CA THR B 163 13.58 -18.61 2.08
C THR B 163 14.28 -19.92 2.44
N THR B 164 15.37 -19.80 3.20
CA THR B 164 16.09 -20.95 3.72
C THR B 164 15.34 -21.55 4.91
N PRO B 165 15.23 -22.88 4.98
CA PRO B 165 14.48 -23.49 6.08
C PRO B 165 14.95 -23.00 7.45
N SER B 166 14.00 -22.86 8.37
CA SER B 166 14.25 -22.36 9.71
C SER B 166 13.53 -23.23 10.72
N LYS B 167 14.14 -23.38 11.90
CA LYS B 167 13.58 -24.26 12.92
C LYS B 167 12.26 -23.74 13.45
N GLN B 168 11.29 -24.64 13.57
CA GLN B 168 10.05 -24.35 14.27
C GLN B 168 10.25 -24.54 15.77
N SER B 169 9.17 -24.34 16.53
CA SER B 169 9.26 -24.53 17.98
C SER B 169 9.51 -25.99 18.32
N ASN B 170 8.94 -26.91 17.55
CA ASN B 170 9.08 -28.34 17.80
C ASN B 170 10.35 -28.95 17.20
N ASN B 171 11.32 -28.12 16.82
CA ASN B 171 12.60 -28.54 16.25
C ASN B 171 12.48 -29.11 14.85
N LYS B 172 11.28 -29.11 14.26
CA LYS B 172 11.14 -29.37 12.83
C LYS B 172 11.36 -28.07 12.07
N TYR B 173 11.35 -28.16 10.75
CA TYR B 173 11.70 -27.02 9.90
C TYR B 173 10.52 -26.51 9.11
N ALA B 174 10.62 -25.24 8.71
CA ALA B 174 9.63 -24.58 7.88
C ALA B 174 10.34 -23.72 6.84
N ALA B 175 9.68 -23.51 5.71
CA ALA B 175 10.18 -22.67 4.64
C ALA B 175 9.00 -22.02 3.93
N SER B 176 9.31 -21.07 3.06
CA SER B 176 8.27 -20.37 2.31
C SER B 176 8.81 -20.02 0.93
N SER B 177 7.90 -20.01 -0.05
CA SER B 177 8.24 -19.63 -1.41
C SER B 177 7.14 -18.72 -1.94
N TYR B 178 7.54 -17.81 -2.82
CA TYR B 178 6.66 -16.77 -3.35
C TYR B 178 6.81 -16.73 -4.86
N LEU B 179 5.68 -16.72 -5.56
CA LEU B 179 5.66 -16.52 -7.01
C LEU B 179 4.92 -15.23 -7.30
N SER B 180 5.62 -14.27 -7.90
CA SER B 180 5.07 -12.95 -8.20
C SER B 180 4.56 -12.92 -9.63
N LEU B 181 3.28 -12.56 -9.79
CA LEU B 181 2.63 -12.43 -11.08
C LEU B 181 1.90 -11.10 -11.16
N THR B 182 1.67 -10.65 -12.39
CA THR B 182 0.70 -9.60 -12.61
C THR B 182 -0.70 -10.19 -12.56
N PRO B 183 -1.71 -9.40 -12.17
CA PRO B 183 -3.08 -9.93 -12.19
C PRO B 183 -3.45 -10.56 -13.53
N GLU B 184 -2.98 -9.97 -14.63
CA GLU B 184 -3.28 -10.51 -15.95
C GLU B 184 -2.68 -11.91 -16.11
N GLN B 185 -1.39 -12.06 -15.77
CA GLN B 185 -0.78 -13.39 -15.77
C GLN B 185 -1.57 -14.36 -14.91
N TRP B 186 -1.88 -13.96 -13.69
CA TRP B 186 -2.62 -14.82 -12.77
C TRP B 186 -3.91 -15.31 -13.40
N LYS B 187 -4.66 -14.42 -14.04
CA LYS B 187 -5.95 -14.79 -14.62
C LYS B 187 -5.83 -15.54 -15.95
N SER B 188 -4.67 -15.47 -16.62
CA SER B 188 -4.55 -16.03 -17.95
C SER B 188 -3.98 -17.45 -17.97
N HIS B 189 -3.91 -18.13 -16.83
CA HIS B 189 -3.41 -19.50 -16.78
C HIS B 189 -4.43 -20.40 -16.10
N ARG B 190 -4.39 -21.69 -16.46
CA ARG B 190 -5.36 -22.64 -15.94
C ARG B 190 -5.08 -23.01 -14.50
N SER B 191 -3.80 -23.13 -14.12
CA SER B 191 -3.45 -23.57 -12.78
C SER B 191 -1.99 -23.25 -12.50
N TYR B 192 -1.67 -23.24 -11.21
CA TYR B 192 -0.31 -23.04 -10.73
C TYR B 192 -0.02 -24.06 -9.65
N SER B 193 1.21 -24.55 -9.59
CA SER B 193 1.57 -25.62 -8.69
C SER B 193 2.88 -25.31 -7.96
N CYS B 194 2.88 -25.60 -6.66
CA CYS B 194 4.07 -25.58 -5.82
C CYS B 194 4.44 -27.03 -5.50
N GLN B 195 5.67 -27.41 -5.82
CA GLN B 195 6.16 -28.77 -5.61
C GLN B 195 7.37 -28.73 -4.68
N VAL B 196 7.28 -29.45 -3.56
CA VAL B 196 8.33 -29.48 -2.55
C VAL B 196 8.90 -30.90 -2.52
N THR B 197 10.19 -31.02 -2.82
CA THR B 197 10.89 -32.30 -2.80
C THR B 197 11.71 -32.39 -1.53
N HIS B 198 11.60 -33.53 -0.85
CA HIS B 198 12.22 -33.76 0.45
C HIS B 198 12.52 -35.25 0.57
N GLU B 199 13.80 -35.57 0.77
CA GLU B 199 14.21 -36.96 0.99
C GLU B 199 13.63 -37.90 -0.06
N GLY B 200 13.69 -37.47 -1.33
CA GLY B 200 13.28 -38.30 -2.43
C GLY B 200 11.79 -38.34 -2.71
N SER B 201 10.96 -37.69 -1.91
CA SER B 201 9.51 -37.68 -2.12
C SER B 201 9.04 -36.26 -2.38
N THR B 202 8.04 -36.12 -3.25
CA THR B 202 7.55 -34.81 -3.67
C THR B 202 6.12 -34.63 -3.23
N VAL B 203 5.81 -33.47 -2.67
CA VAL B 203 4.45 -33.07 -2.31
C VAL B 203 4.06 -31.88 -3.19
N GLU B 204 2.91 -31.97 -3.83
CA GLU B 204 2.46 -30.97 -4.78
C GLU B 204 1.13 -30.37 -4.34
N LYS B 205 1.00 -29.05 -4.52
CA LYS B 205 -0.27 -28.36 -4.30
C LYS B 205 -0.56 -27.46 -5.50
N THR B 206 -1.84 -27.35 -5.83
CA THR B 206 -2.26 -26.60 -7.02
C THR B 206 -3.39 -25.64 -6.67
N VAL B 207 -3.42 -24.52 -7.37
CA VAL B 207 -4.49 -23.54 -7.25
C VAL B 207 -4.85 -23.04 -8.64
N ALA B 208 -6.10 -22.62 -8.81
CA ALA B 208 -6.58 -22.15 -10.10
C ALA B 208 -7.30 -20.82 -9.92
N PRO B 209 -7.19 -19.92 -10.91
CA PRO B 209 -7.86 -18.61 -10.77
C PRO B 209 -9.36 -18.70 -10.53
N THR B 210 -10.04 -19.70 -11.07
CA THR B 210 -11.48 -19.84 -10.89
C THR B 210 -11.82 -19.99 -9.42
N GLU C 50 56.12 -38.06 -0.32
CA GLU C 50 55.07 -37.79 -1.29
C GLU C 50 54.19 -36.62 -0.82
N ILE C 51 53.74 -36.67 0.43
CA ILE C 51 52.97 -35.56 0.99
C ILE C 51 53.84 -34.31 1.05
N ARG C 52 55.14 -34.46 1.32
CA ARG C 52 56.04 -33.31 1.34
C ARG C 52 56.15 -32.69 -0.05
N ASP C 53 56.26 -33.52 -1.08
CA ASP C 53 56.34 -33.02 -2.45
C ASP C 53 55.08 -32.23 -2.80
N LYS C 54 53.91 -32.78 -2.48
CA LYS C 54 52.66 -32.08 -2.76
C LYS C 54 52.56 -30.78 -1.97
N LYS C 55 53.03 -30.80 -0.71
CA LYS C 55 52.99 -29.59 0.09
C LYS C 55 53.85 -28.49 -0.52
N GLN C 56 55.06 -28.83 -0.96
CA GLN C 56 55.91 -27.83 -1.61
C GLN C 56 55.25 -27.30 -2.87
N GLU C 57 54.72 -28.21 -3.70
CA GLU C 57 54.07 -27.81 -4.95
C GLU C 57 52.92 -26.85 -4.68
N VAL C 58 52.10 -27.13 -3.67
CA VAL C 58 50.93 -26.30 -3.40
C VAL C 58 51.34 -24.98 -2.78
N ARG C 59 52.27 -25.01 -1.81
CA ARG C 59 52.67 -23.78 -1.13
C ARG C 59 53.39 -22.83 -2.06
N ALA C 60 54.04 -23.33 -3.11
CA ALA C 60 54.68 -22.44 -4.06
C ALA C 60 53.71 -21.44 -4.68
N LEU C 61 52.41 -21.75 -4.70
CA LEU C 61 51.44 -20.86 -5.33
C LEU C 61 51.27 -19.55 -4.57
N PHE C 62 51.36 -19.59 -3.23
CA PHE C 62 51.11 -18.41 -2.42
C PHE C 62 52.25 -18.12 -1.45
N TYR C 63 53.44 -18.65 -1.70
CA TYR C 63 54.56 -18.40 -0.81
C TYR C 63 54.97 -16.92 -0.87
N ARG C 64 55.12 -16.32 0.30
CA ARG C 64 55.65 -14.97 0.42
C ARG C 64 56.72 -14.96 1.50
N SER C 65 57.87 -14.36 1.21
CA SER C 65 58.93 -14.20 2.19
C SER C 65 58.65 -13.01 3.09
N ASP C 66 59.04 -13.14 4.36
CA ASP C 66 58.92 -12.05 5.32
C ASP C 66 60.19 -11.22 5.45
N ILE C 67 61.19 -11.46 4.59
CA ILE C 67 62.44 -10.70 4.60
C ILE C 67 62.41 -9.70 3.46
N VAL C 68 62.66 -8.43 3.79
CA VAL C 68 62.69 -7.37 2.78
C VAL C 68 64.05 -6.67 2.87
N PRO C 69 64.67 -6.28 1.74
CA PRO C 69 64.19 -6.56 0.38
C PRO C 69 64.45 -8.00 -0.02
N LEU C 70 63.86 -8.45 -1.13
CA LEU C 70 64.09 -9.80 -1.60
C LEU C 70 65.55 -9.97 -2.02
N LYS C 71 66.17 -11.05 -1.56
CA LYS C 71 67.57 -11.30 -1.87
C LYS C 71 67.77 -11.61 -3.35
N GLU D 1 -50.60 10.60 2.62
CA GLU D 1 -50.00 11.84 2.06
C GLU D 1 -49.26 11.52 0.76
N VAL D 2 -49.05 12.55 -0.07
CA VAL D 2 -48.31 12.36 -1.32
C VAL D 2 -46.84 12.13 -1.01
N GLN D 3 -46.25 11.10 -1.60
CA GLN D 3 -44.82 10.90 -1.40
C GLN D 3 -44.25 10.04 -2.52
N LEU D 4 -42.94 10.21 -2.73
CA LEU D 4 -42.15 9.40 -3.63
C LEU D 4 -41.05 8.71 -2.82
N VAL D 5 -40.94 7.39 -2.98
CA VAL D 5 -39.96 6.58 -2.25
C VAL D 5 -39.03 5.96 -3.27
N GLN D 6 -37.74 6.25 -3.15
CA GLN D 6 -36.76 5.76 -4.10
C GLN D 6 -36.04 4.54 -3.57
N SER D 7 -35.44 3.79 -4.47
CA SER D 7 -34.73 2.56 -4.11
C SER D 7 -33.41 2.90 -3.41
N GLY D 8 -32.79 1.86 -2.85
CA GLY D 8 -31.62 2.03 -2.00
C GLY D 8 -30.34 2.31 -2.76
N ALA D 9 -29.32 2.70 -1.99
CA ALA D 9 -28.04 3.09 -2.57
C ALA D 9 -27.42 1.92 -3.34
N GLU D 10 -26.66 2.26 -4.37
CA GLU D 10 -26.09 1.28 -5.29
C GLU D 10 -24.58 1.51 -5.43
N VAL D 11 -23.84 0.39 -5.50
CA VAL D 11 -22.41 0.41 -5.80
C VAL D 11 -22.19 -0.54 -6.96
N LYS D 12 -21.74 -0.01 -8.10
CA LYS D 12 -21.61 -0.77 -9.33
C LYS D 12 -20.27 -0.46 -9.97
N LYS D 13 -19.91 -1.27 -10.98
CA LYS D 13 -18.67 -1.10 -11.70
C LYS D 13 -18.91 -0.48 -13.08
N PRO D 14 -17.93 0.21 -13.64
CA PRO D 14 -18.11 0.77 -14.99
C PRO D 14 -18.44 -0.32 -16.01
N GLY D 15 -19.32 0.03 -16.94
CA GLY D 15 -19.75 -0.88 -17.97
C GLY D 15 -20.96 -1.72 -17.63
N GLU D 16 -21.35 -1.78 -16.35
CA GLU D 16 -22.50 -2.55 -15.94
C GLU D 16 -23.78 -1.74 -16.11
N SER D 17 -24.89 -2.45 -16.22
CA SER D 17 -26.19 -1.81 -16.32
C SER D 17 -26.76 -1.58 -14.92
N LEU D 18 -27.71 -0.65 -14.84
CA LEU D 18 -28.31 -0.30 -13.57
C LEU D 18 -29.73 0.19 -13.81
N LYS D 19 -30.62 -0.12 -12.88
CA LYS D 19 -32.00 0.34 -12.93
C LYS D 19 -32.41 0.76 -11.53
N ILE D 20 -32.73 2.04 -11.36
CA ILE D 20 -33.21 2.55 -10.08
C ILE D 20 -34.66 2.98 -10.25
N SER D 21 -35.40 2.97 -9.14
CA SER D 21 -36.85 3.09 -9.16
C SER D 21 -37.33 4.20 -8.24
N CYS D 22 -38.57 4.62 -8.47
CA CYS D 22 -39.21 5.70 -7.74
C CYS D 22 -40.69 5.36 -7.64
N LYS D 23 -41.15 5.03 -6.44
CA LYS D 23 -42.52 4.57 -6.21
C LYS D 23 -43.35 5.74 -5.68
N GLY D 24 -44.40 6.10 -6.40
CA GLY D 24 -45.28 7.18 -6.01
C GLY D 24 -46.50 6.63 -5.27
N SER D 25 -46.91 7.35 -4.22
CA SER D 25 -48.08 6.93 -3.45
C SER D 25 -48.81 8.14 -2.93
N GLY D 26 -50.12 7.98 -2.75
CA GLY D 26 -50.98 9.04 -2.25
C GLY D 26 -51.57 9.94 -3.32
N TYR D 27 -51.40 9.61 -4.59
CA TYR D 27 -51.92 10.44 -5.67
C TYR D 27 -52.03 9.58 -6.93
N ARG D 28 -52.71 10.12 -7.93
CA ARG D 28 -52.97 9.40 -9.17
C ARG D 28 -51.71 9.47 -10.04
N PHE D 29 -50.95 8.38 -10.03
CA PHE D 29 -49.67 8.33 -10.72
C PHE D 29 -49.73 8.75 -12.19
N PRO D 30 -50.75 8.40 -12.98
CA PRO D 30 -50.70 8.72 -14.42
C PRO D 30 -50.73 10.20 -14.74
N SER D 31 -51.22 11.05 -13.83
CA SER D 31 -51.57 12.42 -14.18
C SER D 31 -50.53 13.44 -13.72
N SER D 32 -49.30 13.01 -13.46
CA SER D 32 -48.22 13.92 -13.12
C SER D 32 -46.94 13.45 -13.80
N TRP D 33 -46.18 14.41 -14.34
CA TRP D 33 -44.85 14.09 -14.83
C TRP D 33 -43.96 13.63 -13.68
N ILE D 34 -43.02 12.75 -14.01
CA ILE D 34 -41.96 12.35 -13.09
C ILE D 34 -40.64 12.70 -13.75
N GLY D 35 -39.86 13.56 -13.10
CA GLY D 35 -38.57 13.98 -13.60
C GLY D 35 -37.45 13.38 -12.78
N TRP D 36 -36.30 13.22 -13.42
CA TRP D 36 -35.09 12.72 -12.76
C TRP D 36 -34.02 13.80 -12.76
N VAL D 37 -33.37 13.98 -11.62
CA VAL D 37 -32.40 15.05 -11.40
C VAL D 37 -31.14 14.46 -10.80
N ARG D 38 -29.99 14.85 -11.32
CA ARG D 38 -28.70 14.38 -10.84
C ARG D 38 -28.03 15.47 -10.02
N GLN D 39 -27.39 15.07 -8.92
CA GLN D 39 -26.62 15.99 -8.10
C GLN D 39 -25.32 15.31 -7.73
N VAL D 40 -24.23 15.74 -8.35
CA VAL D 40 -22.91 15.31 -7.90
C VAL D 40 -22.64 15.91 -6.52
N PRO D 41 -22.11 15.15 -5.56
CA PRO D 41 -21.91 15.71 -4.22
C PRO D 41 -21.10 17.00 -4.27
N GLY D 42 -21.62 18.02 -3.59
CA GLY D 42 -21.00 19.33 -3.57
C GLY D 42 -21.40 20.24 -4.72
N LYS D 43 -22.06 19.70 -5.75
CA LYS D 43 -22.47 20.48 -6.92
C LYS D 43 -23.98 20.73 -6.87
N GLY D 44 -24.49 21.35 -7.94
CA GLY D 44 -25.89 21.72 -8.01
C GLY D 44 -26.75 20.69 -8.72
N LEU D 45 -28.01 21.03 -8.88
CA LEU D 45 -28.98 20.13 -9.49
C LEU D 45 -28.91 20.20 -11.00
N GLU D 46 -28.97 19.02 -11.64
CA GLU D 46 -28.94 18.90 -13.09
C GLU D 46 -30.14 18.07 -13.51
N TRP D 47 -30.97 18.62 -14.40
CA TRP D 47 -32.11 17.89 -14.92
C TRP D 47 -31.66 16.90 -15.99
N MET D 48 -32.16 15.67 -15.89
CA MET D 48 -31.80 14.60 -16.83
C MET D 48 -32.91 14.32 -17.82
N GLY D 49 -34.12 14.07 -17.34
CA GLY D 49 -35.23 13.74 -18.21
C GLY D 49 -36.52 13.70 -17.42
N ILE D 50 -37.59 13.41 -18.14
CA ILE D 50 -38.93 13.48 -17.55
C ILE D 50 -39.85 12.59 -18.37
N ILE D 51 -40.79 11.93 -17.69
CA ILE D 51 -41.74 11.02 -18.32
C ILE D 51 -43.13 11.34 -17.81
N TYR D 52 -44.12 11.22 -18.70
CA TYR D 52 -45.52 11.34 -18.30
C TYR D 52 -46.12 9.93 -18.22
N PRO D 53 -46.34 9.38 -17.02
CA PRO D 53 -46.76 7.97 -16.95
C PRO D 53 -48.07 7.69 -17.65
N GLY D 54 -48.89 8.71 -17.90
CA GLY D 54 -50.18 8.47 -18.55
C GLY D 54 -50.06 7.84 -19.92
N ASP D 55 -48.98 8.12 -20.64
CA ASP D 55 -48.79 7.55 -21.96
C ASP D 55 -47.33 7.24 -22.29
N GLY D 56 -46.39 7.54 -21.41
CA GLY D 56 -45.01 7.21 -21.63
C GLY D 56 -44.20 8.21 -22.43
N GLU D 57 -44.73 9.41 -22.68
CA GLU D 57 -43.94 10.43 -23.35
C GLU D 57 -42.72 10.75 -22.51
N THR D 58 -41.56 10.81 -23.15
CA THR D 58 -40.30 11.09 -22.47
C THR D 58 -39.59 12.24 -23.15
N ARG D 59 -38.95 13.08 -22.35
CA ARG D 59 -38.11 14.16 -22.83
C ARG D 59 -36.80 14.13 -22.06
N TYR D 60 -35.69 14.36 -22.76
CA TYR D 60 -34.38 14.22 -22.17
C TYR D 60 -33.54 15.47 -22.44
N ARG D 61 -32.69 15.80 -21.48
CA ARG D 61 -31.60 16.73 -21.75
C ARG D 61 -30.69 16.13 -22.79
N ALA D 62 -30.28 16.96 -23.76
CA ALA D 62 -29.54 16.46 -24.92
C ALA D 62 -28.35 15.60 -24.51
N SER D 63 -27.61 16.02 -23.49
CA SER D 63 -26.39 15.31 -23.10
C SER D 63 -26.67 13.94 -22.51
N PHE D 64 -27.87 13.71 -21.97
CA PHE D 64 -28.20 12.41 -21.39
C PHE D 64 -28.91 11.47 -22.36
N GLN D 65 -29.40 11.97 -23.50
CA GLN D 65 -29.94 11.10 -24.52
C GLN D 65 -28.89 10.07 -24.93
N GLY D 66 -29.29 8.80 -24.99
CA GLY D 66 -28.39 7.74 -25.37
C GLY D 66 -27.61 7.14 -24.23
N GLN D 67 -27.59 7.80 -23.06
CA GLN D 67 -26.95 7.25 -21.87
C GLN D 67 -27.95 6.65 -20.89
N VAL D 68 -29.14 7.25 -20.77
CA VAL D 68 -30.14 6.79 -19.82
C VAL D 68 -31.47 6.60 -20.54
N THR D 69 -32.32 5.77 -19.95
CA THR D 69 -33.68 5.55 -20.41
C THR D 69 -34.63 5.66 -19.23
N ILE D 70 -35.73 6.37 -19.41
CA ILE D 70 -36.76 6.53 -18.39
C ILE D 70 -37.98 5.72 -18.80
N SER D 71 -38.55 5.00 -17.85
CA SER D 71 -39.75 4.20 -18.11
C SER D 71 -40.67 4.28 -16.92
N ALA D 72 -41.88 3.72 -17.07
CA ALA D 72 -42.86 3.77 -16.00
C ALA D 72 -43.76 2.54 -16.06
N ASP D 73 -44.19 2.10 -14.87
CA ASP D 73 -45.08 0.96 -14.68
C ASP D 73 -46.36 1.48 -14.07
N GLN D 74 -47.46 1.35 -14.84
CA GLN D 74 -48.76 1.89 -14.49
C GLN D 74 -49.52 1.04 -13.48
N SER D 75 -49.11 -0.20 -13.26
CA SER D 75 -49.77 -1.05 -12.27
C SER D 75 -49.14 -0.88 -10.88
N SER D 76 -47.82 -0.76 -10.81
CA SER D 76 -47.12 -0.56 -9.55
C SER D 76 -46.85 0.92 -9.26
N ASN D 77 -47.24 1.82 -10.15
CA ASN D 77 -47.00 3.25 -9.97
C ASN D 77 -45.51 3.52 -9.73
N THR D 78 -44.67 3.00 -10.62
CA THR D 78 -43.23 3.09 -10.40
C THR D 78 -42.53 3.64 -11.63
N ALA D 79 -41.73 4.68 -11.45
CA ALA D 79 -40.89 5.20 -12.51
C ALA D 79 -39.47 4.64 -12.37
N TYR D 80 -38.78 4.52 -13.50
CA TYR D 80 -37.47 3.88 -13.55
C TYR D 80 -36.49 4.73 -14.36
N LEU D 81 -35.27 4.81 -13.85
CA LEU D 81 -34.13 5.38 -14.56
C LEU D 81 -33.11 4.28 -14.79
N GLN D 82 -32.64 4.13 -16.02
CA GLN D 82 -31.87 2.95 -16.41
C GLN D 82 -30.65 3.34 -17.22
N TRP D 83 -29.49 2.81 -16.82
CA TRP D 83 -28.25 2.91 -17.57
C TRP D 83 -27.95 1.55 -18.20
N SER D 84 -27.58 1.56 -19.48
CA SER D 84 -27.12 0.33 -20.12
C SER D 84 -25.65 0.07 -19.80
N SER D 85 -24.84 1.13 -19.74
CA SER D 85 -23.40 1.00 -19.48
C SER D 85 -22.96 2.19 -18.64
N LEU D 86 -22.76 1.95 -17.34
CA LEU D 86 -22.38 3.01 -16.43
C LEU D 86 -20.95 3.48 -16.66
N LYS D 87 -20.71 4.74 -16.32
CA LYS D 87 -19.38 5.33 -16.32
C LYS D 87 -19.05 5.83 -14.92
N ALA D 88 -17.76 6.04 -14.66
CA ALA D 88 -17.34 6.57 -13.37
C ALA D 88 -17.97 7.93 -13.11
N SER D 89 -18.18 8.73 -14.15
CA SER D 89 -18.77 10.06 -13.99
C SER D 89 -20.27 10.01 -13.71
N ASP D 90 -20.87 8.83 -13.59
CA ASP D 90 -22.27 8.71 -13.20
C ASP D 90 -22.44 8.65 -11.68
N THR D 91 -21.36 8.66 -10.92
CA THR D 91 -21.45 8.70 -9.47
C THR D 91 -22.14 9.98 -9.03
N ALA D 92 -23.27 9.85 -8.32
CA ALA D 92 -24.02 11.02 -7.90
C ALA D 92 -25.25 10.59 -7.11
N MET D 93 -25.90 11.56 -6.49
CA MET D 93 -27.23 11.37 -5.95
C MET D 93 -28.25 11.58 -7.06
N TYR D 94 -29.29 10.76 -7.09
CA TYR D 94 -30.33 10.86 -8.11
C TYR D 94 -31.68 11.00 -7.43
N TYR D 95 -32.40 12.07 -7.78
CA TYR D 95 -33.72 12.35 -7.23
C TYR D 95 -34.78 12.18 -8.31
N CYS D 96 -35.95 11.71 -7.91
CA CYS D 96 -37.15 11.81 -8.73
C CYS D 96 -38.06 12.88 -8.12
N ALA D 97 -38.86 13.51 -8.98
CA ALA D 97 -39.72 14.59 -8.53
C ALA D 97 -41.00 14.61 -9.36
N ARG D 98 -42.11 14.92 -8.70
CA ARG D 98 -43.41 15.01 -9.35
C ARG D 98 -43.64 16.44 -9.84
N HIS D 99 -44.19 16.56 -11.05
CA HIS D 99 -44.43 17.86 -11.68
C HIS D 99 -45.82 17.88 -12.29
N GLY D 100 -46.53 19.00 -12.09
CA GLY D 100 -47.90 19.10 -12.58
C GLY D 100 -47.98 19.03 -14.09
N ARG D 101 -49.18 18.71 -14.57
CA ARG D 101 -49.42 18.48 -15.99
C ARG D 101 -49.94 19.73 -16.71
N GLY D 102 -49.77 20.91 -16.13
CA GLY D 102 -50.04 22.14 -16.86
C GLY D 102 -51.43 22.71 -16.71
N VAL D 103 -52.12 22.41 -15.61
CA VAL D 103 -53.44 22.97 -15.36
C VAL D 103 -53.40 23.77 -14.06
N ARG D 104 -54.39 24.66 -13.92
CA ARG D 104 -54.43 25.59 -12.80
C ARG D 104 -54.64 24.87 -11.47
N GLU D 105 -55.26 23.69 -11.49
CA GLU D 105 -55.61 22.99 -10.27
C GLU D 105 -54.40 22.36 -9.57
N VAL D 106 -53.25 22.27 -10.24
CA VAL D 106 -52.08 21.60 -9.69
C VAL D 106 -50.93 22.59 -9.66
N ILE D 107 -49.88 22.21 -8.92
CA ILE D 107 -48.65 23.00 -8.88
C ILE D 107 -47.80 22.62 -10.08
N ASN D 108 -47.51 23.61 -10.93
CA ASN D 108 -46.70 23.38 -12.13
C ASN D 108 -45.22 23.58 -11.81
N ALA D 109 -44.75 22.72 -10.91
CA ALA D 109 -43.37 22.73 -10.44
C ALA D 109 -43.10 21.39 -9.79
N PHE D 110 -41.84 21.17 -9.41
CA PHE D 110 -41.47 19.94 -8.73
C PHE D 110 -41.85 20.07 -7.26
N ASP D 111 -43.10 19.72 -6.96
CA ASP D 111 -43.66 19.98 -5.63
C ASP D 111 -43.41 18.84 -4.64
N ILE D 112 -43.10 17.64 -5.13
CA ILE D 112 -42.83 16.49 -4.27
C ILE D 112 -41.55 15.83 -4.76
N TRP D 113 -40.61 15.62 -3.85
CA TRP D 113 -39.32 15.03 -4.17
C TRP D 113 -39.13 13.71 -3.43
N GLY D 114 -38.45 12.77 -4.08
CA GLY D 114 -37.99 11.59 -3.41
C GLY D 114 -36.79 11.88 -2.53
N GLN D 115 -36.45 10.91 -1.68
CA GLN D 115 -35.37 11.11 -0.73
C GLN D 115 -33.99 11.01 -1.37
N GLY D 116 -33.90 10.52 -2.61
CA GLY D 116 -32.62 10.40 -3.28
C GLY D 116 -32.05 9.00 -3.22
N THR D 117 -31.39 8.58 -4.30
CA THR D 117 -30.66 7.31 -4.36
C THR D 117 -29.22 7.62 -4.72
N MET D 118 -28.29 7.25 -3.85
CA MET D 118 -26.87 7.48 -4.13
C MET D 118 -26.34 6.33 -4.97
N VAL D 119 -25.66 6.67 -6.07
CA VAL D 119 -25.07 5.69 -6.98
C VAL D 119 -23.58 5.95 -7.03
N THR D 120 -22.79 4.94 -6.69
CA THR D 120 -21.34 4.99 -6.76
C THR D 120 -20.87 4.02 -7.84
N VAL D 121 -20.08 4.54 -8.78
CA VAL D 121 -19.52 3.74 -9.87
C VAL D 121 -18.01 3.73 -9.69
N SER D 122 -17.45 2.54 -9.44
CA SER D 122 -16.02 2.39 -9.26
C SER D 122 -15.61 0.99 -9.69
N SER D 123 -14.44 0.88 -10.31
CA SER D 123 -13.90 -0.41 -10.71
C SER D 123 -13.32 -1.19 -9.54
N ALA D 124 -13.35 -0.65 -8.34
CA ALA D 124 -12.66 -1.23 -7.20
C ALA D 124 -13.56 -2.19 -6.41
N SER D 125 -12.92 -3.07 -5.68
CA SER D 125 -13.55 -3.91 -4.67
C SER D 125 -12.91 -3.60 -3.32
N THR D 126 -13.35 -4.31 -2.29
CA THR D 126 -12.91 -4.00 -0.93
C THR D 126 -11.38 -3.91 -0.86
N LYS D 127 -10.90 -2.86 -0.19
CA LYS D 127 -9.46 -2.59 -0.14
C LYS D 127 -9.17 -1.74 1.07
N GLY D 128 -8.16 -2.14 1.85
CA GLY D 128 -7.78 -1.43 3.04
C GLY D 128 -6.96 -0.19 2.75
N PRO D 129 -6.91 0.74 3.69
CA PRO D 129 -6.22 2.00 3.45
C PRO D 129 -4.73 1.93 3.70
N SER D 130 -4.02 2.87 3.06
CA SER D 130 -2.64 3.17 3.41
C SER D 130 -2.63 4.46 4.23
N VAL D 131 -1.96 4.42 5.38
CA VAL D 131 -1.96 5.53 6.31
C VAL D 131 -0.58 6.19 6.27
N PHE D 132 -0.54 7.46 5.89
CA PHE D 132 0.70 8.20 5.82
C PHE D 132 0.67 9.37 6.80
N PRO D 133 1.81 9.72 7.40
CA PRO D 133 1.81 10.84 8.34
C PRO D 133 1.84 12.18 7.62
N LEU D 134 1.21 13.17 8.23
CA LEU D 134 1.31 14.57 7.83
C LEU D 134 2.02 15.26 9.00
N ALA D 135 3.34 15.31 8.92
CA ALA D 135 4.21 15.70 10.02
C ALA D 135 4.23 17.22 10.18
N PRO D 136 4.28 17.72 11.42
CA PRO D 136 4.40 19.16 11.62
C PRO D 136 5.82 19.64 11.37
N SER D 137 5.92 20.93 11.05
CA SER D 137 7.23 21.55 10.81
C SER D 137 7.28 22.95 11.42
N GLY D 144 1.71 29.81 18.50
CA GLY D 144 2.47 28.71 19.08
C GLY D 144 1.72 27.39 19.02
N THR D 145 1.09 27.11 17.89
CA THR D 145 0.40 25.87 17.67
C THR D 145 0.85 25.27 16.34
N ALA D 146 0.76 23.94 16.26
CA ALA D 146 1.15 23.21 15.06
C ALA D 146 0.09 22.20 14.71
N ALA D 147 -0.15 22.03 13.41
CA ALA D 147 -1.13 21.07 12.91
C ALA D 147 -0.39 19.82 12.42
N LEU D 148 -0.86 18.67 12.86
CA LEU D 148 -0.32 17.40 12.39
C LEU D 148 -1.49 16.47 12.14
N GLY D 149 -1.29 15.50 11.24
CA GLY D 149 -2.39 14.62 10.94
C GLY D 149 -1.93 13.33 10.31
N CYS D 150 -2.89 12.60 9.75
CA CYS D 150 -2.57 11.47 8.91
C CYS D 150 -3.55 11.39 7.74
N LEU D 151 -3.02 10.94 6.62
CA LEU D 151 -3.72 10.81 5.35
C LEU D 151 -4.05 9.35 5.13
N VAL D 152 -5.35 9.04 5.05
CA VAL D 152 -5.85 7.68 4.85
C VAL D 152 -6.23 7.56 3.40
N LYS D 153 -5.49 6.77 2.63
CA LYS D 153 -5.52 6.82 1.18
C LYS D 153 -5.86 5.48 0.56
N ASP D 154 -6.57 5.52 -0.56
CA ASP D 154 -6.76 4.36 -1.44
C ASP D 154 -7.41 3.19 -0.69
N TYR D 155 -8.61 3.45 -0.17
CA TYR D 155 -9.42 2.42 0.45
C TYR D 155 -10.78 2.36 -0.24
N PHE D 156 -11.44 1.22 -0.09
CA PHE D 156 -12.76 1.03 -0.67
C PHE D 156 -13.43 -0.13 0.02
N PRO D 157 -14.75 -0.07 0.30
CA PRO D 157 -15.62 1.11 0.20
C PRO D 157 -15.61 1.94 1.48
N GLU D 158 -16.45 2.97 1.55
CA GLU D 158 -16.62 3.69 2.79
C GLU D 158 -17.23 2.77 3.85
N PRO D 159 -17.09 3.10 5.14
CA PRO D 159 -16.37 4.23 5.73
C PRO D 159 -15.10 3.83 6.48
N VAL D 160 -14.25 4.81 6.77
CA VAL D 160 -13.14 4.65 7.71
C VAL D 160 -13.39 5.59 8.87
N THR D 161 -13.02 5.16 10.07
CA THR D 161 -13.09 6.00 11.26
C THR D 161 -11.68 6.28 11.77
N VAL D 162 -11.46 7.50 12.26
CA VAL D 162 -10.15 7.92 12.74
C VAL D 162 -10.32 8.46 14.15
N SER D 163 -9.42 8.04 15.05
CA SER D 163 -9.33 8.61 16.38
C SER D 163 -7.87 8.94 16.65
N TRP D 164 -7.61 9.65 17.75
CA TRP D 164 -6.25 10.04 18.10
C TRP D 164 -5.95 9.63 19.53
N ASN D 165 -4.81 8.97 19.74
CA ASN D 165 -4.41 8.48 21.05
C ASN D 165 -5.53 7.68 21.71
N SER D 166 -6.20 6.85 20.90
CA SER D 166 -7.24 5.95 21.39
C SER D 166 -8.37 6.73 22.07
N GLY D 167 -8.75 7.85 21.48
CA GLY D 167 -9.84 8.65 22.01
C GLY D 167 -9.45 9.58 23.13
N ALA D 168 -8.22 9.53 23.61
CA ALA D 168 -7.77 10.41 24.69
C ALA D 168 -7.51 11.83 24.20
N LEU D 169 -7.35 12.03 22.90
CA LEU D 169 -7.16 13.34 22.31
C LEU D 169 -8.46 13.70 21.60
N THR D 170 -9.23 14.59 22.21
CA THR D 170 -10.53 15.00 21.69
C THR D 170 -10.59 16.49 21.35
N SER D 171 -9.58 17.27 21.72
CA SER D 171 -9.58 18.71 21.51
C SER D 171 -8.80 19.08 20.25
N GLY D 172 -9.42 19.87 19.38
CA GLY D 172 -8.76 20.31 18.17
C GLY D 172 -8.70 19.31 17.04
N VAL D 173 -9.46 18.23 17.11
CA VAL D 173 -9.41 17.16 16.11
C VAL D 173 -10.49 17.40 15.08
N HIS D 174 -10.14 17.26 13.80
CA HIS D 174 -11.12 17.30 12.73
C HIS D 174 -10.79 16.23 11.70
N THR D 175 -11.78 15.40 11.39
CA THR D 175 -11.67 14.40 10.33
C THR D 175 -12.54 14.86 9.17
N PHE D 176 -11.94 14.98 8.00
CA PHE D 176 -12.63 15.51 6.84
C PHE D 176 -13.43 14.40 6.13
N PRO D 177 -14.47 14.78 5.38
CA PRO D 177 -15.16 13.79 4.56
C PRO D 177 -14.23 13.26 3.47
N ALA D 178 -14.56 12.06 2.98
CA ALA D 178 -13.73 11.41 1.99
C ALA D 178 -13.96 12.00 0.60
N VAL D 179 -12.95 11.88 -0.24
CA VAL D 179 -13.03 12.22 -1.66
C VAL D 179 -12.90 10.94 -2.47
N LEU D 180 -13.66 10.84 -3.54
CA LEU D 180 -13.58 9.71 -4.46
C LEU D 180 -12.68 10.11 -5.62
N GLN D 181 -11.52 9.47 -5.71
CA GLN D 181 -10.54 9.82 -6.74
C GLN D 181 -10.91 9.15 -8.05
N SER D 182 -10.31 9.66 -9.14
CA SER D 182 -10.54 9.10 -10.45
C SER D 182 -10.13 7.63 -10.52
N SER D 183 -9.33 7.15 -9.57
CA SER D 183 -8.95 5.75 -9.52
C SER D 183 -10.07 4.86 -9.01
N GLY D 184 -11.18 5.43 -8.52
CA GLY D 184 -12.24 4.66 -7.92
C GLY D 184 -12.08 4.35 -6.46
N LEU D 185 -11.06 4.91 -5.80
CA LEU D 185 -10.80 4.67 -4.40
C LEU D 185 -10.97 5.96 -3.60
N TYR D 186 -11.20 5.81 -2.31
CA TYR D 186 -11.46 6.94 -1.42
C TYR D 186 -10.18 7.36 -0.70
N SER D 187 -10.12 8.65 -0.36
CA SER D 187 -9.06 9.19 0.47
C SER D 187 -9.64 10.25 1.38
N LEU D 188 -9.11 10.33 2.59
CA LEU D 188 -9.49 11.38 3.52
C LEU D 188 -8.29 11.74 4.39
N SER D 189 -8.47 12.74 5.22
CA SER D 189 -7.44 13.20 6.13
C SER D 189 -8.03 13.40 7.52
N SER D 190 -7.20 13.23 8.54
CA SER D 190 -7.55 13.64 9.89
C SER D 190 -6.44 14.52 10.41
N VAL D 191 -6.80 15.61 11.10
CA VAL D 191 -5.85 16.61 11.54
C VAL D 191 -6.15 16.98 12.98
N VAL D 192 -5.11 17.43 13.68
CA VAL D 192 -5.25 17.91 15.05
C VAL D 192 -4.22 19.03 15.26
N THR D 193 -4.64 20.06 15.98
CA THR D 193 -3.80 21.20 16.31
C THR D 193 -3.38 21.09 17.76
N VAL D 194 -2.07 21.20 18.02
CA VAL D 194 -1.52 20.98 19.35
C VAL D 194 -0.49 22.06 19.65
N PRO D 195 -0.21 22.28 20.93
CA PRO D 195 0.84 23.24 21.29
C PRO D 195 2.19 22.81 20.70
N SER D 196 2.85 23.75 20.02
CA SER D 196 4.11 23.45 19.35
C SER D 196 5.22 23.08 20.32
N SER D 197 5.03 23.31 21.62
CA SER D 197 6.05 22.93 22.60
C SER D 197 5.98 21.46 22.95
N SER D 198 4.80 20.84 22.82
CA SER D 198 4.64 19.42 23.16
C SER D 198 5.12 18.49 22.05
N LEU D 199 5.49 19.03 20.88
CA LEU D 199 5.91 18.17 19.79
C LEU D 199 7.15 17.37 20.15
N GLY D 200 8.06 17.96 20.93
CA GLY D 200 9.28 17.27 21.28
C GLY D 200 9.04 16.10 22.22
N THR D 201 8.15 16.28 23.19
CA THR D 201 7.89 15.28 24.21
C THR D 201 6.70 14.40 23.90
N GLN D 202 5.54 15.00 23.62
CA GLN D 202 4.31 14.25 23.46
C GLN D 202 4.34 13.39 22.21
N THR D 203 3.73 12.21 22.30
CA THR D 203 3.57 11.30 21.19
C THR D 203 2.12 11.32 20.72
N TYR D 204 1.93 11.45 19.41
CA TYR D 204 0.59 11.50 18.81
C TYR D 204 0.45 10.34 17.84
N ILE D 205 -0.60 9.54 18.03
CA ILE D 205 -0.85 8.34 17.23
C ILE D 205 -2.29 8.40 16.74
N CYS D 206 -2.47 8.30 15.43
CA CYS D 206 -3.81 8.22 14.85
C CYS D 206 -4.16 6.76 14.61
N ASN D 207 -5.37 6.38 15.02
CA ASN D 207 -5.89 5.03 14.89
C ASN D 207 -6.96 5.04 13.81
N VAL D 208 -6.70 4.33 12.73
CA VAL D 208 -7.60 4.22 11.59
C VAL D 208 -8.26 2.85 11.61
N ASN D 209 -9.58 2.82 11.42
CA ASN D 209 -10.35 1.59 11.41
C ASN D 209 -11.16 1.53 10.13
N HIS D 210 -11.01 0.44 9.38
CA HIS D 210 -11.75 0.19 8.14
C HIS D 210 -12.35 -1.20 8.29
N LYS D 211 -13.60 -1.25 8.75
CA LYS D 211 -14.28 -2.51 9.02
C LYS D 211 -14.58 -3.28 7.74
N PRO D 212 -14.96 -2.62 6.64
CA PRO D 212 -15.19 -3.38 5.40
C PRO D 212 -14.04 -4.28 5.01
N SER D 213 -12.80 -3.86 5.26
CA SER D 213 -11.63 -4.69 5.02
C SER D 213 -11.06 -5.30 6.30
N ASN D 214 -11.69 -5.05 7.45
CA ASN D 214 -11.25 -5.58 8.73
C ASN D 214 -9.79 -5.21 9.00
N THR D 215 -9.49 -3.92 8.87
CA THR D 215 -8.14 -3.41 9.04
C THR D 215 -8.12 -2.32 10.12
N LYS D 216 -7.12 -2.40 10.99
CA LYS D 216 -6.82 -1.33 11.93
C LYS D 216 -5.35 -0.96 11.79
N VAL D 217 -5.07 0.34 11.76
CA VAL D 217 -3.71 0.85 11.63
C VAL D 217 -3.49 1.90 12.71
N ASP D 218 -2.37 1.78 13.42
CA ASP D 218 -1.95 2.80 14.38
C ASP D 218 -0.67 3.43 13.85
N LYS D 219 -0.72 4.72 13.58
CA LYS D 219 0.40 5.44 12.99
C LYS D 219 0.82 6.57 13.91
N LYS D 220 2.07 6.54 14.37
CA LYS D 220 2.63 7.61 15.16
C LYS D 220 3.18 8.70 14.25
N VAL D 221 2.75 9.94 14.48
CA VAL D 221 3.17 11.07 13.66
C VAL D 221 4.21 11.85 14.45
N GLU D 222 5.38 12.04 13.85
CA GLU D 222 6.51 12.72 14.47
C GLU D 222 6.93 13.90 13.61
N PRO D 223 7.57 14.91 14.21
CA PRO D 223 8.20 15.96 13.40
C PRO D 223 9.34 15.40 12.58
N LYS D 224 9.62 16.06 11.46
CA LYS D 224 10.71 15.63 10.60
C LYS D 224 11.99 16.35 10.99
N SER D 225 13.12 15.71 10.69
CA SER D 225 14.42 16.24 11.06
C SER D 225 14.79 17.43 10.19
N TYR E 2 -29.74 28.02 -22.78
CA TYR E 2 -30.23 29.02 -21.84
C TYR E 2 -29.55 28.84 -20.48
N GLU E 3 -29.29 29.94 -19.79
CA GLU E 3 -28.55 29.92 -18.54
C GLU E 3 -29.25 30.76 -17.48
N LEU E 4 -29.30 30.23 -16.26
CA LEU E 4 -29.77 30.96 -15.10
C LEU E 4 -28.58 31.29 -14.21
N THR E 5 -28.44 32.56 -13.84
CA THR E 5 -27.29 33.04 -13.10
C THR E 5 -27.68 33.31 -11.64
N GLN E 6 -27.03 32.61 -10.72
CA GLN E 6 -27.20 32.84 -9.30
C GLN E 6 -25.86 33.15 -8.65
N PRO E 7 -25.83 34.00 -7.62
CA PRO E 7 -24.59 34.17 -6.86
C PRO E 7 -24.27 32.92 -6.08
N PRO E 8 -23.00 32.48 -6.08
CA PRO E 8 -22.68 31.23 -5.36
C PRO E 8 -22.97 31.30 -3.88
N SER E 9 -22.85 32.48 -3.26
CA SER E 9 -23.04 32.61 -1.82
C SER E 9 -23.67 33.95 -1.51
N VAL E 10 -24.50 33.95 -0.47
CA VAL E 10 -25.13 35.16 0.05
C VAL E 10 -25.13 35.08 1.56
N SER E 11 -24.72 36.16 2.22
CA SER E 11 -24.70 36.22 3.67
C SER E 11 -25.46 37.47 4.12
N VAL E 12 -26.28 37.30 5.16
CA VAL E 12 -27.14 38.37 5.65
C VAL E 12 -27.19 38.32 7.16
N ALA E 13 -27.38 39.49 7.76
CA ALA E 13 -27.53 39.56 9.20
C ALA E 13 -28.86 38.95 9.64
N PRO E 14 -28.90 38.29 10.79
CA PRO E 14 -30.17 37.70 11.24
C PRO E 14 -31.21 38.78 11.50
N GLY E 15 -32.46 38.48 11.14
CA GLY E 15 -33.54 39.41 11.27
C GLY E 15 -33.74 40.34 10.09
N THR E 16 -32.72 40.49 9.24
CA THR E 16 -32.85 41.33 8.06
C THR E 16 -33.42 40.51 6.90
N THR E 17 -33.62 41.19 5.77
CA THR E 17 -34.21 40.57 4.59
C THR E 17 -33.11 40.03 3.67
N ALA E 18 -33.22 38.76 3.32
CA ALA E 18 -32.29 38.12 2.39
C ALA E 18 -32.85 38.18 0.99
N THR E 19 -31.99 38.51 0.02
CA THR E 19 -32.36 38.62 -1.38
C THR E 19 -31.45 37.74 -2.21
N ILE E 20 -32.04 36.80 -2.93
CA ILE E 20 -31.30 35.90 -3.82
C ILE E 20 -31.83 36.11 -5.23
N THR E 21 -30.93 36.42 -6.17
CA THR E 21 -31.33 36.75 -7.53
C THR E 21 -31.09 35.56 -8.47
N CYS E 22 -31.89 35.52 -9.53
CA CYS E 22 -31.80 34.52 -10.58
C CYS E 22 -31.86 35.27 -11.90
N GLY E 23 -30.73 35.34 -12.59
CA GLY E 23 -30.60 36.17 -13.78
C GLY E 23 -30.65 35.34 -15.04
N GLY E 24 -31.56 35.71 -15.93
CA GLY E 24 -31.66 35.08 -17.24
C GLY E 24 -32.21 36.09 -18.23
N VAL E 25 -31.90 35.86 -19.50
CA VAL E 25 -32.37 36.76 -20.55
C VAL E 25 -33.86 36.54 -20.75
N ASP E 26 -34.63 37.62 -20.64
CA ASP E 26 -36.07 37.57 -20.80
C ASP E 26 -36.71 36.56 -19.83
N ILE E 27 -36.09 36.38 -18.66
CA ILE E 27 -36.64 35.46 -17.67
C ILE E 27 -37.99 35.94 -17.15
N GLY E 28 -38.28 37.24 -17.28
CA GLY E 28 -39.57 37.76 -16.89
C GLY E 28 -40.72 37.28 -17.75
N SER E 29 -40.44 36.70 -18.91
CA SER E 29 -41.46 36.16 -19.79
C SER E 29 -41.79 34.70 -19.50
N THR E 30 -41.17 34.10 -18.48
CA THR E 30 -41.51 32.74 -18.08
C THR E 30 -41.83 32.70 -16.59
N LEU E 31 -42.03 31.49 -16.05
CA LEU E 31 -42.37 31.30 -14.65
C LEU E 31 -41.16 30.72 -13.93
N VAL E 32 -40.82 31.30 -12.78
CA VAL E 32 -39.64 30.93 -12.01
C VAL E 32 -40.08 30.23 -10.73
N HIS E 33 -39.40 29.14 -10.39
CA HIS E 33 -39.68 28.39 -9.18
C HIS E 33 -38.40 28.30 -8.35
N TRP E 34 -38.57 28.22 -7.03
CA TRP E 34 -37.47 28.26 -6.08
C TRP E 34 -37.58 27.09 -5.11
N TYR E 35 -36.46 26.38 -4.95
CA TYR E 35 -36.33 25.21 -4.10
C TYR E 35 -35.28 25.44 -3.04
N GLN E 36 -35.55 24.94 -1.83
CA GLN E 36 -34.65 24.98 -0.70
C GLN E 36 -34.10 23.59 -0.43
N GLN E 37 -32.79 23.51 -0.20
CA GLN E 37 -32.13 22.23 0.10
C GLN E 37 -31.19 22.42 1.28
N ARG E 38 -31.40 21.67 2.31
CA ARG E 38 -30.53 21.61 3.46
C ARG E 38 -29.53 20.47 3.29
N PRO E 39 -28.35 20.57 3.88
CA PRO E 39 -27.33 19.52 3.69
C PRO E 39 -27.88 18.15 4.08
N GLY E 40 -27.71 17.19 3.18
CA GLY E 40 -28.13 15.82 3.40
C GLY E 40 -29.60 15.54 3.11
N GLN E 41 -30.36 16.53 2.67
CA GLN E 41 -31.79 16.39 2.45
C GLN E 41 -32.13 16.67 1.00
N ALA E 42 -33.35 16.27 0.62
CA ALA E 42 -33.86 16.52 -0.71
C ALA E 42 -34.33 17.96 -0.85
N PRO E 43 -34.36 18.49 -2.07
CA PRO E 43 -34.90 19.84 -2.27
C PRO E 43 -36.34 19.93 -1.79
N LEU E 44 -36.74 21.16 -1.49
CA LEU E 44 -38.10 21.47 -1.03
C LEU E 44 -38.59 22.69 -1.78
N LEU E 45 -39.76 22.57 -2.41
CA LEU E 45 -40.33 23.70 -3.15
C LEU E 45 -40.80 24.76 -2.18
N VAL E 46 -40.25 25.97 -2.30
CA VAL E 46 -40.63 27.08 -1.45
C VAL E 46 -41.38 28.17 -2.21
N ILE E 47 -41.12 28.35 -3.51
CA ILE E 47 -41.89 29.31 -4.30
C ILE E 47 -42.15 28.71 -5.67
N TYR E 48 -43.36 28.91 -6.19
CA TYR E 48 -43.67 28.50 -7.56
C TYR E 48 -44.47 29.61 -8.23
N ASP E 49 -44.42 29.61 -9.56
CA ASP E 49 -45.11 30.62 -10.36
C ASP E 49 -44.76 32.03 -9.88
N ASP E 50 -43.47 32.24 -9.62
CA ASP E 50 -42.90 33.53 -9.25
C ASP E 50 -43.21 33.93 -7.81
N SER E 51 -44.50 34.03 -7.44
CA SER E 51 -44.88 34.62 -6.16
C SER E 51 -45.80 33.75 -5.30
N ASP E 52 -45.96 32.47 -5.63
CA ASP E 52 -46.91 31.62 -4.93
C ASP E 52 -46.19 30.67 -3.99
N ARG E 53 -46.70 30.54 -2.75
CA ARG E 53 -46.17 29.65 -1.73
C ARG E 53 -46.99 28.37 -1.67
N PRO E 54 -46.39 27.19 -1.68
CA PRO E 54 -47.14 25.99 -1.33
C PRO E 54 -47.49 25.98 0.14
N SER E 55 -48.52 25.20 0.48
CA SER E 55 -48.96 25.11 1.87
C SER E 55 -47.81 24.64 2.75
N GLY E 56 -47.73 25.24 3.95
CA GLY E 56 -46.68 24.91 4.90
C GLY E 56 -45.45 25.78 4.81
N ILE E 57 -45.37 26.69 3.86
CA ILE E 57 -44.23 27.59 3.70
C ILE E 57 -44.56 28.91 4.40
N PRO E 58 -43.72 29.38 5.32
CA PRO E 58 -44.05 30.59 6.08
C PRO E 58 -44.14 31.82 5.19
N GLU E 59 -44.83 32.84 5.70
CA GLU E 59 -45.11 34.04 4.94
C GLU E 59 -43.85 34.85 4.64
N ARG E 60 -42.75 34.61 5.35
CA ARG E 60 -41.53 35.37 5.12
C ARG E 60 -41.00 35.16 3.71
N PHE E 61 -41.26 34.00 3.12
CA PHE E 61 -40.82 33.70 1.77
C PHE E 61 -41.71 34.39 0.75
N SER E 62 -41.07 35.06 -0.22
CA SER E 62 -41.80 35.69 -1.31
C SER E 62 -40.91 35.69 -2.55
N GLY E 63 -41.51 36.02 -3.68
CA GLY E 63 -40.76 36.04 -4.92
C GLY E 63 -41.34 37.03 -5.90
N SER E 64 -40.49 37.42 -6.85
CA SER E 64 -40.90 38.30 -7.94
C SER E 64 -40.08 37.94 -9.18
N ASN E 65 -40.50 38.46 -10.32
CA ASN E 65 -39.84 38.13 -11.58
C ASN E 65 -40.21 39.16 -12.62
N SER E 66 -39.20 39.76 -13.27
CA SER E 66 -39.48 40.72 -14.33
C SER E 66 -38.18 41.00 -15.07
N GLY E 67 -38.33 41.56 -16.26
CA GLY E 67 -37.20 41.89 -17.11
C GLY E 67 -36.26 40.71 -17.26
N ASN E 68 -35.02 40.87 -16.79
CA ASN E 68 -34.01 39.84 -16.88
C ASN E 68 -33.62 39.27 -15.52
N MET E 69 -34.47 39.44 -14.50
CA MET E 69 -34.11 38.95 -13.18
C MET E 69 -35.37 38.55 -12.41
N ALA E 70 -35.26 37.43 -11.70
CA ALA E 70 -36.21 37.00 -10.70
C ALA E 70 -35.54 37.05 -9.33
N THR E 71 -36.35 37.14 -8.29
CA THR E 71 -35.84 37.35 -6.94
C THR E 71 -36.61 36.52 -5.95
N LEU E 72 -35.88 35.81 -5.08
CA LEU E 72 -36.42 35.19 -3.88
C LEU E 72 -36.06 36.08 -2.70
N THR E 73 -37.05 36.35 -1.84
CA THR E 73 -36.88 37.24 -0.71
C THR E 73 -37.33 36.51 0.56
N ILE E 74 -36.48 36.54 1.58
CA ILE E 74 -36.77 35.94 2.88
C ILE E 74 -36.73 37.05 3.91
N SER E 75 -37.90 37.45 4.40
CA SER E 75 -37.97 38.49 5.42
C SER E 75 -37.63 37.90 6.78
N ARG E 76 -37.16 38.77 7.67
CA ARG E 76 -36.85 38.41 9.06
C ARG E 76 -36.11 37.06 9.11
N VAL E 77 -35.05 36.97 8.31
CA VAL E 77 -34.33 35.72 8.15
C VAL E 77 -33.83 35.21 9.50
N GLU E 78 -33.96 33.91 9.71
CA GLU E 78 -33.53 33.25 10.93
C GLU E 78 -32.53 32.15 10.59
N ALA E 79 -31.86 31.65 11.63
CA ALA E 79 -30.85 30.60 11.42
C ALA E 79 -31.43 29.41 10.68
N GLY E 80 -32.70 29.08 10.90
CA GLY E 80 -33.32 27.95 10.23
C GLY E 80 -33.44 28.09 8.73
N ASP E 81 -33.27 29.29 8.19
CA ASP E 81 -33.34 29.51 6.74
C ASP E 81 -32.01 29.25 6.04
N GLU E 82 -30.94 29.04 6.79
CA GLU E 82 -29.63 28.78 6.20
C GLU E 82 -29.68 27.51 5.36
N ALA E 83 -29.26 27.62 4.09
CA ALA E 83 -29.41 26.48 3.17
C ALA E 83 -29.04 26.84 1.75
N ASP E 84 -29.05 25.88 0.84
CA ASP E 84 -28.88 26.17 -0.58
C ASP E 84 -30.23 26.44 -1.22
N TYR E 85 -30.25 27.35 -2.18
CA TYR E 85 -31.47 27.72 -2.87
C TYR E 85 -31.24 27.68 -4.38
N TYR E 86 -32.18 27.10 -5.11
CA TYR E 86 -32.06 26.90 -6.55
C TYR E 86 -33.28 27.47 -7.24
N CYS E 87 -33.06 28.28 -8.27
CA CYS E 87 -34.14 28.68 -9.16
C CYS E 87 -34.23 27.75 -10.35
N GLN E 88 -35.41 27.67 -10.94
CA GLN E 88 -35.70 26.69 -11.97
C GLN E 88 -36.78 27.23 -12.90
N VAL E 89 -36.61 26.93 -14.20
CA VAL E 89 -37.60 27.29 -15.21
C VAL E 89 -37.76 26.13 -16.18
N TRP E 90 -38.89 26.14 -16.89
CA TRP E 90 -39.13 25.26 -18.02
C TRP E 90 -39.02 26.13 -19.27
N HIS E 91 -37.86 26.06 -19.93
CA HIS E 91 -37.55 27.02 -20.99
C HIS E 91 -38.22 26.64 -22.30
N SER E 92 -38.02 25.41 -22.75
CA SER E 92 -38.59 24.93 -24.00
C SER E 92 -39.11 23.52 -23.78
N THR E 93 -39.65 22.92 -24.85
CA THR E 93 -40.30 21.63 -24.74
C THR E 93 -39.45 20.64 -23.94
N SER E 94 -38.21 20.42 -24.39
CA SER E 94 -37.33 19.44 -23.78
C SER E 94 -36.28 20.06 -22.86
N ALA E 95 -36.40 21.34 -22.52
CA ALA E 95 -35.39 22.03 -21.72
C ALA E 95 -35.98 22.45 -20.37
N VAL E 96 -35.49 21.81 -19.31
CA VAL E 96 -35.78 22.19 -17.92
C VAL E 96 -34.44 22.61 -17.32
N ILE E 97 -34.38 23.83 -16.75
CA ILE E 97 -33.11 24.38 -16.32
C ILE E 97 -33.16 24.80 -14.86
N PHE E 98 -32.13 24.43 -14.11
CA PHE E 98 -31.90 24.88 -12.75
C PHE E 98 -30.78 25.91 -12.73
N GLY E 99 -30.87 26.86 -11.81
CA GLY E 99 -29.77 27.75 -11.56
C GLY E 99 -28.63 27.04 -10.85
N GLY E 100 -27.49 27.71 -10.80
CA GLY E 100 -26.30 27.13 -10.20
C GLY E 100 -26.39 26.93 -8.70
N GLY E 101 -27.36 27.55 -8.05
CA GLY E 101 -27.52 27.41 -6.61
C GLY E 101 -26.85 28.53 -5.84
N THR E 102 -27.40 28.83 -4.67
CA THR E 102 -26.91 29.91 -3.82
C THR E 102 -26.89 29.44 -2.39
N LYS E 103 -25.72 29.53 -1.75
CA LYS E 103 -25.57 29.20 -0.33
C LYS E 103 -25.96 30.40 0.50
N LEU E 104 -27.07 30.31 1.23
CA LEU E 104 -27.50 31.37 2.13
C LEU E 104 -27.01 31.05 3.53
N THR E 105 -26.12 31.92 4.04
CA THR E 105 -25.60 31.88 5.39
C THR E 105 -26.22 33.01 6.21
N VAL E 106 -26.71 32.70 7.40
CA VAL E 106 -27.24 33.68 8.32
C VAL E 106 -26.17 33.97 9.36
N LEU E 107 -25.54 35.14 9.26
CA LEU E 107 -24.34 35.46 10.02
C LEU E 107 -24.58 35.36 11.51
N SER E 108 -23.91 34.40 12.16
CA SER E 108 -23.98 34.24 13.62
C SER E 108 -22.69 34.64 14.31
N GLN E 109 -21.68 35.09 13.58
CA GLN E 109 -20.39 35.46 14.14
C GLN E 109 -19.63 36.26 13.08
N PRO E 110 -18.59 36.99 13.46
CA PRO E 110 -17.87 37.80 12.49
C PRO E 110 -17.10 36.94 11.50
N LYS E 111 -16.86 37.52 10.31
CA LYS E 111 -16.15 36.80 9.26
C LYS E 111 -14.72 36.53 9.69
N ALA E 112 -14.25 35.31 9.37
CA ALA E 112 -12.93 34.85 9.77
C ALA E 112 -12.23 34.26 8.57
N ALA E 113 -11.01 34.72 8.32
CA ALA E 113 -10.23 34.20 7.21
C ALA E 113 -9.67 32.81 7.56
N PRO E 114 -9.42 31.97 6.57
CA PRO E 114 -8.96 30.61 6.86
C PRO E 114 -7.51 30.54 7.25
N SER E 115 -7.22 29.57 8.11
CA SER E 115 -5.85 29.15 8.40
C SER E 115 -5.53 27.97 7.49
N VAL E 116 -4.43 28.08 6.75
CA VAL E 116 -4.07 27.13 5.71
C VAL E 116 -2.77 26.46 6.08
N THR E 117 -2.72 25.13 5.92
CA THR E 117 -1.51 24.36 6.10
C THR E 117 -1.32 23.46 4.89
N LEU E 118 -0.15 23.57 4.26
CA LEU E 118 0.16 22.80 3.07
C LEU E 118 1.25 21.79 3.42
N PHE E 119 0.87 20.50 3.39
CA PHE E 119 1.76 19.38 3.65
C PHE E 119 2.29 18.82 2.34
N PRO E 120 3.61 18.69 2.19
CA PRO E 120 4.16 18.02 1.02
C PRO E 120 4.05 16.52 1.15
N PRO E 121 4.30 15.78 0.07
CA PRO E 121 4.26 14.32 0.17
C PRO E 121 5.28 13.81 1.18
N SER E 122 4.81 12.95 2.08
CA SER E 122 5.72 12.30 3.02
C SER E 122 6.69 11.39 2.28
N SER E 123 7.80 11.09 2.93
CA SER E 123 8.79 10.19 2.32
C SER E 123 8.21 8.79 2.14
N GLU E 124 7.37 8.35 3.08
CA GLU E 124 6.77 7.03 2.99
C GLU E 124 5.91 6.90 1.74
N GLU E 125 5.10 7.91 1.45
CA GLU E 125 4.28 7.86 0.24
C GLU E 125 5.15 7.80 -1.01
N LEU E 126 6.23 8.59 -1.04
CA LEU E 126 7.15 8.53 -2.18
C LEU E 126 7.77 7.15 -2.31
N GLN E 127 7.99 6.44 -1.20
CA GLN E 127 8.47 5.07 -1.30
C GLN E 127 7.46 4.18 -2.02
N ALA E 128 6.17 4.50 -1.91
CA ALA E 128 5.13 3.81 -2.66
C ALA E 128 4.95 4.40 -4.05
N ASN E 129 5.82 5.32 -4.47
CA ASN E 129 5.78 5.91 -5.80
C ASN E 129 4.48 6.68 -6.02
N LYS E 130 4.03 7.38 -4.98
CA LYS E 130 2.88 8.27 -5.07
C LYS E 130 3.23 9.57 -4.35
N ALA E 131 2.67 10.67 -4.84
CA ALA E 131 2.85 11.97 -4.21
C ALA E 131 1.50 12.63 -4.04
N THR E 132 1.21 13.12 -2.84
CA THR E 132 -0.03 13.82 -2.58
C THR E 132 0.27 15.05 -1.74
N LEU E 133 0.03 16.22 -2.32
CA LEU E 133 0.06 17.46 -1.56
C LEU E 133 -1.28 17.66 -0.89
N VAL E 134 -1.26 17.96 0.41
CA VAL E 134 -2.47 18.06 1.21
C VAL E 134 -2.60 19.47 1.74
N CYS E 135 -3.68 20.16 1.37
CA CYS E 135 -3.93 21.53 1.78
C CYS E 135 -5.13 21.52 2.72
N LEU E 136 -4.88 21.75 4.00
CA LEU E 136 -5.93 21.75 5.02
C LEU E 136 -6.28 23.19 5.38
N ILE E 137 -7.57 23.49 5.38
CA ILE E 137 -8.09 24.83 5.57
C ILE E 137 -9.05 24.78 6.75
N SER E 138 -8.87 25.67 7.72
CA SER E 138 -9.64 25.59 8.95
C SER E 138 -10.01 26.96 9.47
N ASP E 139 -11.09 27.01 10.24
CA ASP E 139 -11.44 28.19 11.05
C ASP E 139 -11.83 29.37 10.17
N PHE E 140 -12.59 29.12 9.11
CA PHE E 140 -13.11 30.19 8.28
C PHE E 140 -14.63 30.23 8.37
N TYR E 141 -15.18 31.43 8.12
CA TYR E 141 -16.60 31.67 8.24
C TYR E 141 -16.98 32.92 7.45
N PRO E 142 -18.02 32.88 6.60
CA PRO E 142 -18.92 31.76 6.28
C PRO E 142 -18.20 30.60 5.60
N GLY E 143 -18.90 29.47 5.46
CA GLY E 143 -18.29 28.25 4.97
C GLY E 143 -18.26 28.12 3.46
N ALA E 144 -17.62 29.07 2.78
CA ALA E 144 -17.47 29.02 1.33
C ALA E 144 -16.07 29.49 0.96
N VAL E 145 -15.29 28.60 0.34
CA VAL E 145 -13.95 28.93 -0.13
C VAL E 145 -13.79 28.37 -1.54
N THR E 146 -12.80 28.90 -2.25
CA THR E 146 -12.37 28.33 -3.53
C THR E 146 -10.88 28.08 -3.47
N VAL E 147 -10.44 26.94 -3.98
CA VAL E 147 -9.05 26.52 -3.90
C VAL E 147 -8.47 26.47 -5.31
N ALA E 148 -7.27 27.02 -5.47
CA ALA E 148 -6.54 26.96 -6.71
C ALA E 148 -5.14 26.42 -6.42
N TRP E 149 -4.61 25.65 -7.35
CA TRP E 149 -3.30 25.04 -7.21
C TRP E 149 -2.36 25.57 -8.28
N LYS E 150 -1.11 25.84 -7.87
CA LYS E 150 -0.09 26.36 -8.77
C LYS E 150 1.13 25.46 -8.71
N ALA E 151 1.62 25.06 -9.89
CA ALA E 151 2.92 24.42 -10.03
C ALA E 151 3.90 25.47 -10.51
N ASP E 152 4.90 25.78 -9.68
CA ASP E 152 5.71 26.97 -9.87
C ASP E 152 4.79 28.18 -9.91
N SER E 153 4.44 28.65 -11.11
CA SER E 153 3.54 29.79 -11.27
C SER E 153 2.37 29.50 -12.20
N SER E 154 2.24 28.25 -12.68
CA SER E 154 1.17 27.93 -13.61
C SER E 154 0.02 27.23 -12.90
N PRO E 155 -1.23 27.58 -13.19
CA PRO E 155 -2.34 26.85 -12.56
C PRO E 155 -2.41 25.41 -13.00
N VAL E 156 -2.83 24.55 -12.08
CA VAL E 156 -3.00 23.12 -12.35
C VAL E 156 -4.42 22.73 -11.95
N LYS E 157 -5.09 22.00 -12.83
CA LYS E 157 -6.42 21.46 -12.54
C LYS E 157 -6.49 19.94 -12.55
N ALA E 158 -5.55 19.26 -13.21
CA ALA E 158 -5.55 17.81 -13.24
C ALA E 158 -5.05 17.26 -11.91
N GLY E 159 -5.79 16.31 -11.35
CA GLY E 159 -5.40 15.68 -10.10
C GLY E 159 -5.84 16.38 -8.85
N VAL E 160 -6.81 17.29 -8.93
CA VAL E 160 -7.26 18.08 -7.79
C VAL E 160 -8.56 17.50 -7.26
N GLU E 161 -8.64 17.32 -5.95
CA GLU E 161 -9.86 16.90 -5.27
C GLU E 161 -10.10 17.80 -4.07
N THR E 162 -11.30 18.36 -3.97
CA THR E 162 -11.62 19.27 -2.88
C THR E 162 -12.92 18.83 -2.22
N THR E 163 -12.93 18.85 -0.89
CA THR E 163 -14.12 18.51 -0.13
C THR E 163 -14.99 19.75 0.07
N THR E 164 -16.28 19.50 0.30
CA THR E 164 -17.19 20.58 0.64
C THR E 164 -16.94 21.01 2.08
N PRO E 165 -16.91 22.32 2.35
CA PRO E 165 -16.62 22.76 3.73
C PRO E 165 -17.54 22.08 4.74
N SER E 166 -16.99 21.83 5.92
CA SER E 166 -17.70 21.14 6.98
C SER E 166 -17.51 21.87 8.30
N LYS E 167 -18.55 21.85 9.14
CA LYS E 167 -18.53 22.58 10.39
C LYS E 167 -17.53 21.97 11.36
N GLN E 168 -16.73 22.82 12.00
CA GLN E 168 -15.89 22.40 13.10
C GLN E 168 -16.70 22.41 14.39
N SER E 169 -16.04 22.05 15.51
CA SER E 169 -16.72 22.07 16.80
C SER E 169 -17.09 23.49 17.21
N ASN E 170 -16.24 24.46 16.87
CA ASN E 170 -16.48 25.86 17.23
C ASN E 170 -17.38 26.58 16.25
N ASN E 171 -18.10 25.84 15.39
CA ASN E 171 -19.03 26.38 14.41
C ASN E 171 -18.37 27.16 13.29
N LYS E 172 -17.04 27.19 13.23
CA LYS E 172 -16.38 27.63 12.02
C LYS E 172 -16.27 26.46 11.06
N TYR E 173 -15.76 26.70 9.86
CA TYR E 173 -15.76 25.71 8.80
C TYR E 173 -14.33 25.26 8.49
N ALA E 174 -14.24 24.05 7.92
CA ALA E 174 -12.97 23.49 7.49
C ALA E 174 -13.17 22.81 6.15
N ALA E 175 -12.10 22.75 5.38
CA ALA E 175 -12.10 22.09 4.08
C ALA E 175 -10.72 21.52 3.82
N SER E 176 -10.62 20.71 2.77
CA SER E 176 -9.36 20.09 2.41
C SER E 176 -9.28 19.98 0.90
N SER E 177 -8.05 20.07 0.39
CA SER E 177 -7.78 19.91 -1.03
C SER E 177 -6.57 19.01 -1.19
N TYR E 178 -6.57 18.23 -2.26
CA TYR E 178 -5.55 17.22 -2.51
C TYR E 178 -5.08 17.37 -3.94
N LEU E 179 -3.76 17.40 -4.12
CA LEU E 179 -3.15 17.39 -5.45
C LEU E 179 -2.34 16.12 -5.58
N SER E 180 -2.72 15.26 -6.52
CA SER E 180 -2.06 13.99 -6.73
C SER E 180 -1.04 14.14 -7.87
N LEU E 181 0.21 13.83 -7.56
CA LEU E 181 1.30 13.90 -8.52
C LEU E 181 2.09 12.59 -8.47
N THR E 182 2.80 12.32 -9.56
CA THR E 182 3.82 11.29 -9.53
C THR E 182 5.07 11.83 -8.84
N PRO E 183 5.86 10.97 -8.20
CA PRO E 183 7.12 11.46 -7.61
C PRO E 183 7.97 12.24 -8.59
N GLU E 184 7.95 11.85 -9.86
CA GLU E 184 8.74 12.56 -10.87
C GLU E 184 8.25 14.00 -11.03
N GLN E 185 6.92 14.17 -11.16
CA GLN E 185 6.35 15.51 -11.21
C GLN E 185 6.76 16.32 -9.98
N TRP E 186 6.53 15.76 -8.80
CA TRP E 186 6.84 16.47 -7.56
C TRP E 186 8.30 16.93 -7.53
N LYS E 187 9.23 16.06 -7.90
CA LYS E 187 10.65 16.42 -7.82
C LYS E 187 11.10 17.30 -8.98
N SER E 188 10.34 17.37 -10.08
CA SER E 188 10.75 18.09 -11.27
C SER E 188 10.23 19.52 -11.31
N HIS E 189 9.69 20.03 -10.20
CA HIS E 189 9.23 21.41 -10.11
C HIS E 189 9.88 22.08 -8.92
N ARG E 190 10.03 23.40 -9.01
CA ARG E 190 10.69 24.13 -7.93
C ARG E 190 9.78 24.29 -6.72
N SER E 191 8.47 24.45 -6.94
CA SER E 191 7.56 24.66 -5.83
C SER E 191 6.13 24.43 -6.28
N TYR E 192 5.26 24.23 -5.28
CA TYR E 192 3.82 24.10 -5.47
C TYR E 192 3.12 24.96 -4.43
N SER E 193 1.97 25.52 -4.82
CA SER E 193 1.26 26.47 -3.99
C SER E 193 -0.23 26.15 -3.94
N CYS E 194 -0.79 26.26 -2.75
CA CYS E 194 -2.23 26.19 -2.51
C CYS E 194 -2.72 27.59 -2.19
N GLN E 195 -3.70 28.07 -2.96
CA GLN E 195 -4.28 29.40 -2.77
C GLN E 195 -5.74 29.24 -2.43
N VAL E 196 -6.14 29.76 -1.26
CA VAL E 196 -7.50 29.62 -0.75
C VAL E 196 -8.13 31.01 -0.74
N THR E 197 -9.20 31.18 -1.50
CA THR E 197 -9.93 32.43 -1.56
C THR E 197 -11.20 32.31 -0.72
N HIS E 198 -11.43 33.34 0.09
CA HIS E 198 -12.54 33.39 1.04
C HIS E 198 -12.97 34.85 1.15
N GLU E 199 -14.23 35.12 0.84
CA GLU E 199 -14.78 36.48 0.93
C GLU E 199 -13.87 37.48 0.21
N GLY E 200 -13.38 37.10 -0.96
CA GLY E 200 -12.58 37.97 -1.79
C GLY E 200 -11.12 38.11 -1.40
N SER E 201 -10.69 37.48 -0.31
CA SER E 201 -9.31 37.57 0.15
C SER E 201 -8.63 36.21 0.03
N THR E 202 -7.36 36.21 -0.31
CA THR E 202 -6.64 34.98 -0.59
C THR E 202 -5.50 34.74 0.40
N VAL E 203 -5.41 33.51 0.88
CA VAL E 203 -4.30 33.04 1.69
C VAL E 203 -3.56 31.97 0.89
N GLU E 204 -2.25 32.14 0.73
CA GLU E 204 -1.45 31.25 -0.09
C GLU E 204 -0.36 30.60 0.74
N LYS E 205 -0.11 29.32 0.47
CA LYS E 205 0.98 28.59 1.10
C LYS E 205 1.75 27.84 0.02
N THR E 206 3.06 27.71 0.24
CA THR E 206 3.96 27.12 -0.74
C THR E 206 4.83 26.06 -0.09
N VAL E 207 5.17 25.04 -0.87
CA VAL E 207 6.10 24.00 -0.46
C VAL E 207 7.02 23.67 -1.63
N ALA E 208 8.22 23.21 -1.31
CA ALA E 208 9.21 22.88 -2.32
C ALA E 208 9.80 21.50 -2.06
N PRO E 209 10.15 20.77 -3.12
CA PRO E 209 10.74 19.43 -2.92
C PRO E 209 11.96 19.43 -2.02
N THR E 210 12.71 20.52 -1.99
CA THR E 210 13.92 20.59 -1.17
C THR E 210 13.57 20.34 0.31
N GLU F 50 -52.11 39.65 -17.51
CA GLU F 50 -50.75 39.53 -17.99
C GLU F 50 -50.08 38.26 -17.45
N ILE F 51 -50.18 38.07 -16.13
CA ILE F 51 -49.67 36.85 -15.53
C ILE F 51 -50.43 35.63 -16.06
N ARG F 52 -51.72 35.78 -16.34
CA ARG F 52 -52.52 34.67 -16.84
C ARG F 52 -52.05 34.24 -18.23
N ASP F 53 -51.80 35.22 -19.11
CA ASP F 53 -51.30 34.91 -20.44
C ASP F 53 -49.97 34.18 -20.37
N LYS F 54 -49.05 34.69 -19.54
CA LYS F 54 -47.75 34.05 -19.37
C LYS F 54 -47.90 32.63 -18.82
N LYS F 55 -48.82 32.45 -17.86
CA LYS F 55 -49.03 31.13 -17.28
C LYS F 55 -49.50 30.14 -18.33
N GLN F 56 -50.48 30.53 -19.15
CA GLN F 56 -50.93 29.64 -20.21
C GLN F 56 -49.83 29.37 -21.21
N GLU F 57 -49.09 30.41 -21.61
CA GLU F 57 -48.01 30.24 -22.56
C GLU F 57 -46.99 29.23 -22.05
N VAL F 58 -46.64 29.30 -20.77
CA VAL F 58 -45.63 28.40 -20.22
C VAL F 58 -46.20 27.00 -20.05
N ARG F 59 -47.44 26.90 -19.55
CA ARG F 59 -48.04 25.59 -19.31
C ARG F 59 -48.27 24.82 -20.61
N ALA F 60 -48.44 25.53 -21.72
CA ALA F 60 -48.57 24.85 -23.01
C ALA F 60 -47.34 23.99 -23.33
N LEU F 61 -46.19 24.30 -22.73
CA LEU F 61 -44.97 23.55 -23.04
C LEU F 61 -45.05 22.11 -22.54
N PHE F 62 -45.72 21.88 -21.42
CA PHE F 62 -45.78 20.56 -20.81
C PHE F 62 -47.22 20.14 -20.50
N TYR F 63 -48.21 20.79 -21.11
CA TYR F 63 -49.59 20.43 -20.84
C TYR F 63 -49.87 19.02 -21.35
N ARG F 64 -50.49 18.21 -20.49
CA ARG F 64 -50.93 16.87 -20.87
C ARG F 64 -52.37 16.70 -20.40
N SER F 65 -53.22 16.20 -21.30
CA SER F 65 -54.60 15.91 -20.95
C SER F 65 -54.67 14.58 -20.21
N ASP F 66 -55.56 14.51 -19.22
CA ASP F 66 -55.82 13.27 -18.50
C ASP F 66 -56.97 12.48 -19.10
N ILE F 67 -57.50 12.92 -20.25
CA ILE F 67 -58.60 12.25 -20.93
C ILE F 67 -58.02 11.47 -22.11
N VAL F 68 -58.32 10.18 -22.17
CA VAL F 68 -57.86 9.32 -23.26
C VAL F 68 -59.06 8.63 -23.87
N PRO F 69 -59.11 8.43 -25.20
CA PRO F 69 -58.15 8.88 -26.22
C PRO F 69 -58.33 10.36 -26.57
N LEU F 70 -57.41 10.91 -27.37
CA LEU F 70 -57.53 12.30 -27.81
C LEU F 70 -58.79 12.47 -28.65
N LYS F 71 -59.57 13.51 -28.32
CA LYS F 71 -60.82 13.79 -29.03
C LYS F 71 -60.54 14.24 -30.46
S SO4 G . 52.42 -5.61 17.11
O1 SO4 G . 53.28 -5.80 18.27
O2 SO4 G . 52.67 -4.29 16.54
O3 SO4 G . 52.70 -6.63 16.11
O4 SO4 G . 51.02 -5.70 17.52
S SO4 H . 55.51 -30.05 6.85
O1 SO4 H . 56.17 -29.49 5.68
O2 SO4 H . 54.18 -29.48 6.98
O3 SO4 H . 56.30 -29.74 8.05
O4 SO4 H . 55.41 -31.50 6.71
C1 GOL I . 32.78 -29.62 16.48
O1 GOL I . 31.42 -29.89 16.66
C2 GOL I . 33.22 -28.76 17.69
O2 GOL I . 33.90 -29.50 18.64
C3 GOL I . 34.10 -27.64 17.08
O3 GOL I . 33.23 -26.67 16.58
H11 GOL I . 33.31 -30.43 16.46
H12 GOL I . 32.96 -29.15 15.67
HO1 GOL I . 31.37 -30.51 17.22
H2 GOL I . 32.45 -28.38 18.14
HO2 GOL I . 34.13 -28.98 19.27
H31 GOL I . 34.70 -27.30 17.77
H32 GOL I . 34.68 -28.02 16.40
HO3 GOL I . 33.63 -25.92 16.65
C1 GOL J . 35.43 -44.46 16.41
O1 GOL J . 34.36 -45.09 15.78
C2 GOL J . 36.62 -44.51 15.43
O2 GOL J . 36.88 -45.81 15.01
C3 GOL J . 37.80 -43.92 16.22
O3 GOL J . 37.46 -42.60 16.54
H11 GOL J . 35.68 -44.89 17.24
H12 GOL J . 35.24 -43.53 16.63
HO1 GOL J . 33.83 -44.47 15.53
H2 GOL J . 36.44 -44.00 14.64
HO2 GOL J . 36.15 -46.26 15.08
H31 GOL J . 37.96 -44.46 17.01
H32 GOL J . 38.60 -43.98 15.69
HO3 GOL J . 38.11 -42.27 16.95
C1 GOL K . 24.65 -23.92 2.33
O1 GOL K . 25.03 -24.96 1.49
C2 GOL K . 23.65 -24.51 3.36
O2 GOL K . 22.61 -25.16 2.74
C3 GOL K . 23.18 -23.30 4.19
O3 GOL K . 22.32 -23.80 5.16
H11 GOL K . 24.23 -23.19 1.86
H12 GOL K . 25.40 -23.53 2.80
HO1 GOL K . 25.64 -24.66 0.99
H2 GOL K . 24.09 -25.17 3.91
HO2 GOL K . 22.88 -25.41 1.97
H31 GOL K . 22.76 -22.66 3.59
H32 GOL K . 23.96 -22.84 4.55
HO3 GOL K . 21.89 -24.44 4.80
C1 GOL L . -38.80 25.08 5.16
O1 GOL L . -37.84 24.61 6.04
C2 GOL L . -39.32 26.43 5.73
O2 GOL L . -39.68 26.32 7.06
C3 GOL L . -38.16 27.42 5.51
O3 GOL L . -37.14 27.06 6.38
H11 GOL L . -38.45 25.22 4.26
H12 GOL L . -39.55 24.47 5.06
HO1 GOL L . -38.25 24.10 6.59
H2 GOL L . -40.11 26.71 5.25
HO2 GOL L . -38.97 26.24 7.52
H31 GOL L . -37.89 27.40 4.58
H32 GOL L . -38.49 28.32 5.66
HO3 GOL L . -37.17 27.60 7.04
S SO4 M . -54.33 30.44 -12.24
O1 SO4 M . -54.48 29.97 -13.61
O2 SO4 M . -54.05 31.88 -12.24
O3 SO4 M . -53.22 29.73 -11.60
O4 SO4 M . -55.55 30.19 -11.50
#